data_5FAX
#
_entry.id   5FAX
#
_cell.length_a   45.224
_cell.length_b   99.935
_cell.length_c   96.749
_cell.angle_alpha   90.00
_cell.angle_beta   103.52
_cell.angle_gamma   90.00
#
_symmetry.space_group_name_H-M   'P 1 21 1'
#
loop_
_entity.id
_entity.type
_entity.pdbx_description
1 polymer 'Subtilase SubHal from Bacillus halmapalus'
2 non-polymer 'CALCIUM ION'
3 water water
#
_entity_poly.entity_id   1
_entity_poly.type   'polypeptide(L)'
_entity_poly.pdbx_seq_one_letter_code
;(5VV)DVARGIVKADVAQNNFGLYGQGQIVAVADTGLDTGRNDSSMHEAFRGKITALYALGRTNNANDPNGHGTHVAGSV
LGNATNKGMAPQANLVFQSIMDSGGGLGGLPANLQTLFSQAYSAGARIHTNSWGAPVNGAYTTDSRNVDDYVRKNDMTIL
FAAGNEGPGSGTISAPGTAKNAITVGATENLRPSFGSYADNINHVAQFSSRGPTRDGRIKPDVMAPGTYILSARSSLAPD
SSFWANHDSKYAYMGGTSMATPIVAGNVAQLREHFVKNRGVTPKPSLLKAALIAGAADVGLGFPNGNQGWGRVTLDKSLN
VAFVNETSPLSTSQKATYSFTAQAGKPLKISLVWSDAPGSTTASLTLVNDLDLVITAPNGTKYVGNDFTAPYDNNWDGRN
NVENVFINAPQSGTYTVEVQAYNVPVGPQTFSLAIVH
;
_entity_poly.pdbx_strand_id   A,B
#
loop_
_chem_comp.id
_chem_comp.type
_chem_comp.name
_chem_comp.formula
CA non-polymer 'CALCIUM ION' 'Ca 2'
#
# COMPACT_ATOMS: atom_id res chain seq x y z
N 5VV A 1 2.88 -29.27 -14.10
C9 5VV A 1 3.46 -30.25 -13.39
O10 5VV A 1 2.81 -31.21 -12.89
O11 5VV A 1 4.71 -30.21 -13.21
CA 5VV A 1 1.39 -29.05 -14.19
CB 5VV A 1 1.07 -27.89 -15.10
CG 5VV A 1 1.15 -26.44 -14.60
ND2 5VV A 1 0.93 -25.41 -15.58
OD1 5VV A 1 1.40 -26.14 -13.25
C 5VV A 1 0.64 -30.28 -14.75
O 5VV A 1 -0.40 -30.60 -14.19
N ASP A 2 1.16 -30.87 -15.82
CA ASP A 2 0.61 -32.11 -16.42
C ASP A 2 0.55 -33.23 -15.39
N VAL A 3 1.48 -33.18 -14.45
CA VAL A 3 1.52 -34.14 -13.37
C VAL A 3 0.58 -33.75 -12.23
N ALA A 4 0.53 -32.47 -11.82
CA ALA A 4 -0.30 -32.07 -10.69
C ALA A 4 -1.78 -32.22 -11.03
N ARG A 5 -2.09 -32.10 -12.32
CA ARG A 5 -3.44 -32.19 -12.81
C ARG A 5 -3.97 -33.57 -12.47
N GLY A 6 -3.18 -34.61 -12.74
CA GLY A 6 -3.51 -35.97 -12.36
C GLY A 6 -3.54 -36.23 -10.86
N ILE A 7 -2.73 -35.53 -10.07
CA ILE A 7 -2.70 -35.76 -8.62
C ILE A 7 -3.96 -35.20 -7.92
N VAL A 8 -4.29 -33.94 -8.22
CA VAL A 8 -5.45 -33.30 -7.59
C VAL A 8 -6.73 -33.72 -8.29
N LYS A 9 -6.58 -34.56 -9.32
CA LYS A 9 -7.69 -35.03 -10.12
C LYS A 9 -8.38 -33.96 -10.95
N ALA A 10 -7.63 -32.95 -11.34
CA ALA A 10 -8.12 -31.93 -12.28
C ALA A 10 -8.43 -32.56 -13.63
N ASP A 11 -7.81 -33.72 -13.88
CA ASP A 11 -8.04 -34.54 -15.07
C ASP A 11 -9.44 -35.17 -15.12
N VAL A 12 -9.95 -35.67 -13.99
CA VAL A 12 -11.27 -36.30 -14.00
C VAL A 12 -12.39 -35.24 -14.16
N ALA A 13 -12.18 -34.07 -13.56
CA ALA A 13 -13.08 -32.93 -13.72
C ALA A 13 -13.17 -32.63 -15.19
N GLN A 14 -12.01 -32.64 -15.83
CA GLN A 14 -11.88 -32.29 -17.24
C GLN A 14 -12.39 -33.37 -18.18
N ASN A 15 -12.02 -34.62 -17.96
CA ASN A 15 -12.45 -35.63 -18.92
C ASN A 15 -13.88 -36.16 -18.74
N ASN A 16 -14.33 -36.35 -17.48
CA ASN A 16 -15.66 -36.93 -17.15
C ASN A 16 -16.74 -35.89 -16.80
N PHE A 17 -16.32 -34.70 -16.38
CA PHE A 17 -17.27 -33.65 -16.13
C PHE A 17 -17.23 -32.51 -17.15
N GLY A 18 -16.22 -32.45 -18.01
CA GLY A 18 -16.11 -31.38 -18.99
C GLY A 18 -15.70 -30.03 -18.40
N LEU A 19 -15.05 -30.07 -17.24
CA LEU A 19 -14.67 -28.86 -16.50
C LEU A 19 -13.25 -28.37 -16.73
N TYR A 20 -13.12 -27.39 -17.59
CA TYR A 20 -11.88 -26.67 -17.77
C TYR A 20 -12.04 -25.25 -17.27
N GLY A 21 -13.21 -24.92 -16.74
CA GLY A 21 -13.43 -23.61 -16.11
C GLY A 21 -13.85 -22.48 -17.04
N GLN A 22 -14.56 -22.84 -18.11
CA GLN A 22 -15.12 -21.82 -18.97
C GLN A 22 -16.18 -21.05 -18.19
N GLY A 23 -16.14 -19.72 -18.32
CA GLY A 23 -17.14 -18.85 -17.75
C GLY A 23 -16.64 -18.23 -16.45
N GLN A 24 -15.53 -18.73 -15.95
CA GLN A 24 -15.00 -18.31 -14.66
C GLN A 24 -13.85 -17.38 -14.95
N ILE A 25 -13.76 -16.32 -14.16
CA ILE A 25 -12.61 -15.41 -14.30
C ILE A 25 -11.76 -15.48 -13.06
N VAL A 26 -10.49 -15.89 -13.20
CA VAL A 26 -9.56 -15.96 -12.09
C VAL A 26 -8.55 -14.80 -12.19
N ALA A 27 -8.47 -14.02 -11.10
CA ALA A 27 -7.52 -12.91 -10.97
C ALA A 27 -6.29 -13.36 -10.20
N VAL A 28 -5.10 -13.01 -10.71
CA VAL A 28 -3.86 -13.41 -10.05
C VAL A 28 -3.11 -12.14 -9.65
N ALA A 29 -2.51 -12.12 -8.47
CA ALA A 29 -1.70 -10.97 -8.06
C ALA A 29 -0.31 -11.46 -7.74
N ASP A 30 0.60 -11.13 -8.64
CA ASP A 30 1.97 -11.56 -8.60
C ASP A 30 2.87 -10.54 -9.32
N THR A 31 4.07 -10.95 -9.73
CA THR A 31 5.13 -10.01 -10.08
C THR A 31 4.71 -9.32 -11.36
N GLY A 32 4.27 -10.12 -12.34
CA GLY A 32 3.95 -9.61 -13.68
C GLY A 32 3.74 -10.78 -14.64
N LEU A 33 3.47 -10.45 -15.89
CA LEU A 33 2.92 -11.46 -16.80
C LEU A 33 3.62 -11.36 -18.16
N ASP A 34 4.74 -12.07 -18.23
CA ASP A 34 5.57 -12.25 -19.41
C ASP A 34 6.09 -10.92 -19.95
N THR A 35 5.54 -10.47 -21.07
CA THR A 35 6.03 -9.28 -21.75
C THR A 35 5.35 -8.04 -21.22
N GLY A 36 4.22 -8.21 -20.54
CA GLY A 36 3.48 -7.09 -19.98
C GLY A 36 2.55 -6.36 -20.96
N ARG A 37 2.45 -6.86 -22.19
CA ARG A 37 1.55 -6.32 -23.20
C ARG A 37 0.46 -7.35 -23.51
N ASN A 38 -0.78 -6.88 -23.49
CA ASN A 38 -1.92 -7.78 -23.74
C ASN A 38 -2.25 -7.59 -25.21
N ASP A 39 -1.36 -8.14 -26.05
CA ASP A 39 -1.44 -8.10 -27.51
C ASP A 39 -0.74 -9.39 -28.04
N SER A 40 -0.12 -9.33 -29.22
CA SER A 40 0.38 -10.55 -29.86
C SER A 40 1.69 -11.08 -29.25
N SER A 41 2.36 -10.25 -28.45
CA SER A 41 3.64 -10.54 -27.82
C SER A 41 3.58 -11.37 -26.52
N MET A 42 2.41 -11.37 -25.90
CA MET A 42 2.11 -12.20 -24.71
C MET A 42 2.36 -13.70 -24.93
N HIS A 43 2.99 -14.33 -23.97
CA HIS A 43 3.20 -15.78 -23.93
C HIS A 43 1.96 -16.52 -24.41
N GLU A 44 2.16 -17.51 -25.28
CA GLU A 44 1.06 -18.35 -25.81
C GLU A 44 0.02 -18.82 -24.77
N ALA A 45 0.45 -19.21 -23.57
CA ALA A 45 -0.46 -19.67 -22.48
C ALA A 45 -1.64 -18.74 -22.13
N PHE A 46 -1.42 -17.44 -22.34
CA PHE A 46 -2.32 -16.35 -21.88
C PHE A 46 -2.86 -15.44 -23.00
N ARG A 47 -2.18 -15.42 -24.14
CA ARG A 47 -2.55 -14.66 -25.33
C ARG A 47 -4.04 -14.82 -25.75
N GLY A 48 -4.80 -13.74 -25.62
CA GLY A 48 -6.21 -13.69 -25.98
C GLY A 48 -7.22 -13.99 -24.86
N LYS A 49 -6.75 -14.29 -23.67
CA LYS A 49 -7.67 -14.64 -22.57
C LYS A 49 -7.47 -13.77 -21.34
N ILE A 50 -6.79 -12.66 -21.53
CA ILE A 50 -6.60 -11.66 -20.50
C ILE A 50 -7.72 -10.62 -20.47
N THR A 51 -8.59 -10.78 -19.50
CA THR A 51 -9.72 -9.90 -19.27
C THR A 51 -9.21 -8.50 -18.91
N ALA A 52 -8.24 -8.45 -17.99
CA ALA A 52 -7.52 -7.21 -17.76
C ALA A 52 -6.08 -7.42 -17.25
N LEU A 53 -5.19 -6.50 -17.62
CA LEU A 53 -3.80 -6.56 -17.16
C LEU A 53 -3.46 -5.19 -16.59
N TYR A 54 -3.25 -5.14 -15.28
CA TYR A 54 -3.04 -3.90 -14.54
C TYR A 54 -1.62 -3.88 -14.03
N ALA A 55 -0.94 -2.80 -14.35
CA ALA A 55 0.34 -2.50 -13.77
C ALA A 55 0.16 -1.68 -12.50
N LEU A 56 0.42 -2.31 -11.35
CA LEU A 56 0.21 -1.65 -10.08
C LEU A 56 1.51 -1.13 -9.45
N GLY A 57 2.65 -1.77 -9.71
CA GLY A 57 3.88 -1.54 -8.96
C GLY A 57 4.96 -0.69 -9.63
N ARG A 58 4.97 -0.74 -10.98
CA ARG A 58 5.81 0.11 -11.86
C ARG A 58 4.86 0.71 -12.86
N THR A 59 5.08 1.96 -13.27
CA THR A 59 4.05 2.66 -14.07
C THR A 59 4.08 2.25 -15.52
N ASN A 60 2.91 1.96 -16.09
CA ASN A 60 2.80 1.40 -17.47
C ASN A 60 3.67 0.14 -17.77
N ASN A 61 4.10 -0.58 -16.72
CA ASN A 61 4.91 -1.81 -16.86
C ASN A 61 4.43 -3.01 -16.00
N ALA A 62 3.84 -4.00 -16.65
CA ALA A 62 3.45 -5.22 -15.95
C ALA A 62 4.19 -6.42 -16.50
N ASN A 63 5.47 -6.24 -16.83
CA ASN A 63 6.25 -7.33 -17.41
C ASN A 63 6.89 -8.15 -16.29
N ASP A 64 7.29 -9.37 -16.61
CA ASP A 64 7.92 -10.28 -15.69
C ASP A 64 9.43 -10.58 -15.92
N PRO A 65 10.31 -9.74 -15.39
CA PRO A 65 11.75 -10.05 -15.43
C PRO A 65 12.12 -11.08 -14.35
N ASN A 66 11.26 -11.20 -13.35
CA ASN A 66 11.45 -12.17 -12.28
C ASN A 66 11.15 -13.59 -12.76
N GLY A 67 9.88 -13.87 -13.06
CA GLY A 67 9.44 -15.16 -13.53
C GLY A 67 8.27 -15.69 -12.71
N HIS A 68 8.12 -15.20 -11.48
CA HIS A 68 7.25 -15.78 -10.48
C HIS A 68 5.81 -15.82 -10.98
N GLY A 69 5.29 -14.68 -11.38
CA GLY A 69 3.87 -14.52 -11.69
C GLY A 69 3.41 -15.14 -12.98
N THR A 70 4.31 -15.29 -13.95
CA THR A 70 3.98 -15.91 -15.22
C THR A 70 3.80 -17.41 -14.96
N HIS A 71 4.61 -17.96 -14.06
CA HIS A 71 4.66 -19.39 -13.81
C HIS A 71 3.42 -19.77 -13.03
N VAL A 72 3.14 -18.94 -12.02
CA VAL A 72 1.99 -19.08 -11.14
C VAL A 72 0.75 -19.09 -11.99
N ALA A 73 0.59 -18.03 -12.78
CA ALA A 73 -0.53 -17.79 -13.67
C ALA A 73 -0.76 -18.85 -14.73
N GLY A 74 0.34 -19.44 -15.20
CA GLY A 74 0.31 -20.62 -16.05
C GLY A 74 -0.40 -21.81 -15.39
N SER A 75 -0.04 -22.08 -14.15
CA SER A 75 -0.66 -23.12 -13.38
C SER A 75 -2.15 -22.92 -13.13
N VAL A 76 -2.59 -21.67 -13.10
CA VAL A 76 -4.00 -21.40 -12.95
C VAL A 76 -4.79 -21.85 -14.17
N LEU A 77 -4.46 -21.23 -15.31
CA LEU A 77 -5.28 -21.28 -16.53
C LEU A 77 -4.50 -21.24 -17.85
N GLY A 78 -3.20 -21.51 -17.83
CA GLY A 78 -2.43 -21.54 -19.06
C GLY A 78 -3.08 -22.49 -20.05
N ASN A 79 -3.14 -22.13 -21.33
CA ASN A 79 -3.94 -22.91 -22.29
C ASN A 79 -3.26 -23.17 -23.65
N ALA A 80 -1.93 -23.13 -23.62
CA ALA A 80 -1.10 -23.64 -24.74
C ALA A 80 -0.71 -25.06 -24.31
N THR A 81 0.52 -25.32 -23.90
CA THR A 81 0.86 -26.66 -23.37
C THR A 81 1.28 -26.50 -21.93
N ASN A 82 1.43 -27.63 -21.25
CA ASN A 82 1.66 -27.62 -19.80
C ASN A 82 0.59 -26.80 -19.11
N LYS A 83 -0.64 -27.00 -19.53
CA LYS A 83 -1.80 -26.16 -19.21
C LYS A 83 -2.09 -26.12 -17.70
N GLY A 84 -2.61 -24.98 -17.24
CA GLY A 84 -3.11 -24.88 -15.88
C GLY A 84 -4.34 -25.74 -15.76
N MET A 85 -4.86 -25.80 -14.53
CA MET A 85 -5.94 -26.70 -14.18
C MET A 85 -7.25 -26.22 -14.80
N ALA A 86 -7.40 -24.91 -14.93
CA ALA A 86 -8.60 -24.35 -15.52
C ALA A 86 -8.26 -23.62 -16.79
N PRO A 87 -7.92 -24.35 -17.87
CA PRO A 87 -7.45 -23.71 -19.11
C PRO A 87 -8.47 -22.85 -19.85
N GLN A 88 -9.75 -22.91 -19.49
CA GLN A 88 -10.76 -22.15 -20.20
C GLN A 88 -11.29 -20.94 -19.42
N ALA A 89 -10.68 -20.65 -18.26
CA ALA A 89 -11.04 -19.47 -17.49
C ALA A 89 -10.29 -18.28 -18.04
N ASN A 90 -10.76 -17.07 -17.78
CA ASN A 90 -10.02 -15.90 -18.25
C ASN A 90 -9.37 -15.19 -17.09
N LEU A 91 -8.43 -14.31 -17.43
CA LEU A 91 -7.42 -13.89 -16.49
C LEU A 91 -7.51 -12.42 -16.26
N VAL A 92 -7.58 -12.05 -15.00
CA VAL A 92 -7.29 -10.69 -14.58
C VAL A 92 -5.90 -10.77 -13.91
N PHE A 93 -4.98 -9.88 -14.27
CA PHE A 93 -3.66 -9.90 -13.70
C PHE A 93 -3.37 -8.54 -13.10
N GLN A 94 -2.93 -8.53 -11.85
CA GLN A 94 -2.46 -7.33 -11.16
C GLN A 94 -0.96 -7.47 -10.86
N SER A 95 -0.16 -6.68 -11.55
CA SER A 95 1.28 -6.74 -11.42
C SER A 95 1.71 -5.85 -10.26
N ILE A 96 2.21 -6.47 -9.19
CA ILE A 96 2.49 -5.70 -7.98
C ILE A 96 3.97 -5.50 -7.76
N MET A 97 4.81 -6.10 -8.60
CA MET A 97 6.26 -5.95 -8.41
C MET A 97 6.69 -4.56 -8.81
N ASP A 98 7.57 -3.95 -8.01
CA ASP A 98 8.06 -2.59 -8.27
C ASP A 98 9.44 -2.61 -8.88
N SER A 99 9.94 -1.39 -9.13
CA SER A 99 11.23 -1.16 -9.76
C SER A 99 12.49 -1.73 -9.07
N GLY A 100 12.35 -2.37 -7.92
CA GLY A 100 13.48 -2.96 -7.20
C GLY A 100 13.38 -4.46 -6.90
N GLY A 101 12.38 -5.13 -7.46
CA GLY A 101 12.06 -6.52 -7.12
C GLY A 101 11.09 -6.76 -5.96
N GLY A 102 10.60 -5.69 -5.35
CA GLY A 102 9.65 -5.84 -4.27
C GLY A 102 8.22 -5.86 -4.77
N LEU A 103 7.29 -6.16 -3.85
CA LEU A 103 5.86 -6.14 -4.12
C LEU A 103 5.24 -4.83 -3.67
N GLY A 104 5.80 -3.74 -4.16
CA GLY A 104 5.46 -2.43 -3.63
C GLY A 104 4.18 -1.86 -4.18
N GLY A 105 3.57 -2.52 -5.17
CA GLY A 105 2.35 -2.05 -5.78
C GLY A 105 1.09 -2.63 -5.13
N LEU A 106 1.26 -3.28 -3.99
CA LEU A 106 0.11 -3.71 -3.21
C LEU A 106 -0.38 -2.47 -2.53
N PRO A 107 -1.69 -2.25 -2.47
CA PRO A 107 -2.20 -1.05 -1.78
C PRO A 107 -2.25 -1.28 -0.26
N ALA A 108 -2.29 -0.20 0.51
CA ALA A 108 -2.20 -0.30 1.96
C ALA A 108 -3.40 -1.08 2.46
N ASN A 109 -4.55 -0.76 1.89
CA ASN A 109 -5.79 -1.47 2.09
C ASN A 109 -6.07 -2.46 0.97
N LEU A 110 -5.94 -3.73 1.31
CA LEU A 110 -5.96 -4.81 0.33
C LEU A 110 -7.33 -4.98 -0.35
N GLN A 111 -8.37 -4.42 0.26
CA GLN A 111 -9.72 -4.43 -0.31
C GLN A 111 -9.77 -3.67 -1.64
N THR A 112 -8.95 -2.64 -1.76
CA THR A 112 -8.81 -1.91 -3.03
C THR A 112 -8.30 -2.81 -4.17
N LEU A 113 -7.45 -3.77 -3.82
CA LEU A 113 -6.98 -4.73 -4.80
C LEU A 113 -8.04 -5.77 -5.19
N PHE A 114 -8.74 -6.33 -4.21
CA PHE A 114 -9.74 -7.36 -4.55
C PHE A 114 -10.93 -6.73 -5.28
N SER A 115 -11.29 -5.49 -4.96
CA SER A 115 -12.41 -4.84 -5.68
C SER A 115 -12.01 -4.44 -7.08
N GLN A 116 -10.77 -4.03 -7.28
CA GLN A 116 -10.31 -3.85 -8.63
C GLN A 116 -10.58 -5.09 -9.47
N ALA A 117 -10.34 -6.28 -8.92
CA ALA A 117 -10.45 -7.52 -9.69
C ALA A 117 -11.92 -7.96 -9.83
N TYR A 118 -12.66 -7.84 -8.73
CA TYR A 118 -14.09 -8.16 -8.72
C TYR A 118 -14.80 -7.36 -9.82
N SER A 119 -14.45 -6.10 -9.98
CA SER A 119 -15.08 -5.26 -11.01
C SER A 119 -14.67 -5.68 -12.43
N ALA A 120 -13.53 -6.39 -12.60
CA ALA A 120 -13.14 -6.91 -13.95
C ALA A 120 -13.77 -8.26 -14.32
N GLY A 121 -14.55 -8.77 -13.38
CA GLY A 121 -15.35 -9.95 -13.58
C GLY A 121 -14.93 -11.07 -12.65
N ALA A 122 -13.79 -10.93 -11.97
CA ALA A 122 -13.17 -12.03 -11.22
C ALA A 122 -13.95 -12.39 -9.97
N ARG A 123 -14.03 -13.67 -9.68
CA ARG A 123 -14.76 -14.16 -8.50
C ARG A 123 -13.89 -15.07 -7.63
N ILE A 124 -12.65 -15.26 -8.07
CA ILE A 124 -11.60 -15.99 -7.37
C ILE A 124 -10.33 -15.09 -7.46
N HIS A 125 -9.52 -15.03 -6.41
CA HIS A 125 -8.33 -14.14 -6.36
C HIS A 125 -7.16 -14.87 -5.69
N THR A 126 -6.12 -15.18 -6.45
CA THR A 126 -5.05 -16.04 -5.96
C THR A 126 -3.70 -15.30 -5.77
N ASN A 127 -3.14 -15.48 -4.59
CA ASN A 127 -2.00 -14.69 -4.12
C ASN A 127 -0.86 -15.55 -3.62
N SER A 128 0.17 -15.72 -4.45
CA SER A 128 1.39 -16.46 -4.08
C SER A 128 2.42 -15.51 -3.51
N TRP A 129 2.18 -15.07 -2.29
CA TRP A 129 3.01 -14.08 -1.64
C TRP A 129 2.59 -13.88 -0.21
N GLY A 130 3.53 -13.48 0.62
CA GLY A 130 3.23 -13.31 2.03
C GLY A 130 4.42 -12.68 2.76
N ALA A 131 4.15 -12.27 3.97
CA ALA A 131 5.16 -11.74 4.86
C ALA A 131 5.37 -12.81 5.93
N PRO A 132 6.61 -13.29 6.09
CA PRO A 132 6.90 -14.38 7.04
C PRO A 132 6.80 -13.98 8.51
N VAL A 133 5.57 -13.74 8.96
CA VAL A 133 5.26 -13.18 10.30
C VAL A 133 4.93 -14.28 11.30
N ASN A 134 5.21 -15.52 10.94
CA ASN A 134 5.06 -16.64 11.84
C ASN A 134 3.70 -16.70 12.49
N GLY A 135 2.62 -16.60 11.72
CA GLY A 135 1.30 -16.94 12.21
C GLY A 135 0.45 -15.79 12.75
N ALA A 136 1.00 -14.59 12.77
CA ALA A 136 0.27 -13.44 13.27
C ALA A 136 -0.85 -13.07 12.32
N TYR A 137 -1.89 -12.47 12.86
CA TYR A 137 -3.08 -12.09 12.10
C TYR A 137 -3.00 -10.58 11.92
N THR A 138 -2.69 -10.15 10.70
CA THR A 138 -2.37 -8.79 10.46
C THR A 138 -3.51 -7.98 9.90
N THR A 139 -3.31 -6.68 9.89
CA THR A 139 -4.19 -5.79 9.15
C THR A 139 -4.52 -6.33 7.76
N ASP A 140 -3.51 -6.76 7.00
CA ASP A 140 -3.73 -7.38 5.71
C ASP A 140 -4.63 -8.61 5.86
N SER A 141 -4.32 -9.54 6.77
CA SER A 141 -5.20 -10.68 7.13
C SER A 141 -6.59 -10.24 7.50
N ARG A 142 -6.72 -9.15 8.25
CA ARG A 142 -8.04 -8.55 8.56
C ARG A 142 -8.81 -7.91 7.36
N ASN A 143 -8.11 -7.27 6.42
CA ASN A 143 -8.81 -6.71 5.30
C ASN A 143 -9.22 -7.82 4.36
N VAL A 144 -8.45 -8.91 4.33
CA VAL A 144 -8.84 -10.08 3.57
C VAL A 144 -10.14 -10.65 4.08
N ASP A 145 -10.30 -10.72 5.41
CA ASP A 145 -11.47 -11.37 6.00
C ASP A 145 -12.75 -10.52 5.85
N ASP A 146 -12.60 -9.21 6.09
CA ASP A 146 -13.65 -8.27 5.79
C ASP A 146 -14.16 -8.42 4.36
N TYR A 147 -13.26 -8.40 3.37
CA TYR A 147 -13.66 -8.41 1.98
C TYR A 147 -14.51 -9.64 1.65
N VAL A 148 -14.11 -10.82 2.14
CA VAL A 148 -14.81 -12.06 1.79
C VAL A 148 -16.23 -12.11 2.37
N ARG A 149 -16.38 -11.71 3.63
CA ARG A 149 -17.67 -11.75 4.30
C ARG A 149 -18.67 -10.81 3.64
N LYS A 150 -18.15 -9.77 2.98
CA LYS A 150 -18.96 -8.75 2.29
C LYS A 150 -19.17 -9.00 0.76
N ASN A 151 -18.39 -9.89 0.17
CA ASN A 151 -18.36 -9.99 -1.30
C ASN A 151 -18.17 -11.44 -1.70
N ASP A 152 -18.72 -11.85 -2.84
CA ASP A 152 -18.58 -13.24 -3.25
C ASP A 152 -17.28 -13.42 -4.05
N MET A 153 -16.15 -13.23 -3.37
CA MET A 153 -14.83 -13.56 -3.89
C MET A 153 -14.19 -14.67 -3.06
N THR A 154 -13.78 -15.74 -3.72
CA THR A 154 -12.97 -16.73 -3.05
C THR A 154 -11.54 -16.24 -3.22
N ILE A 155 -10.85 -16.07 -2.08
CA ILE A 155 -9.47 -15.56 -2.00
C ILE A 155 -8.54 -16.64 -1.45
N LEU A 156 -7.45 -16.87 -2.17
CA LEU A 156 -6.40 -17.85 -1.87
C LEU A 156 -5.07 -17.20 -1.54
N PHE A 157 -4.38 -17.81 -0.57
CA PHE A 157 -3.02 -17.44 -0.17
C PHE A 157 -2.17 -18.66 0.06
N ALA A 158 -0.92 -18.57 -0.40
CA ALA A 158 0.08 -19.55 -0.10
C ALA A 158 0.37 -19.42 1.39
N ALA A 159 0.65 -20.58 1.96
CA ALA A 159 1.05 -20.75 3.34
C ALA A 159 2.39 -20.08 3.67
N GLY A 160 3.30 -20.09 2.69
CA GLY A 160 4.68 -19.65 2.89
C GLY A 160 5.72 -20.77 2.79
N ASN A 161 7.00 -20.40 2.81
CA ASN A 161 8.15 -21.27 2.48
C ASN A 161 9.20 -21.34 3.64
N GLU A 162 8.69 -21.33 4.87
CA GLU A 162 9.50 -21.30 6.09
C GLU A 162 9.34 -22.54 6.97
N GLY A 163 8.72 -23.56 6.42
CA GLY A 163 8.78 -24.90 6.97
C GLY A 163 10.19 -25.50 7.02
N PRO A 164 10.32 -26.68 7.65
CA PRO A 164 9.20 -27.47 8.21
C PRO A 164 8.88 -27.20 9.67
N GLY A 165 9.27 -26.04 10.19
CA GLY A 165 9.01 -25.76 11.60
C GLY A 165 7.60 -25.26 11.74
N SER A 166 6.98 -25.56 12.88
CA SER A 166 5.60 -25.12 13.12
C SER A 166 5.54 -23.62 13.44
N GLY A 167 4.32 -23.07 13.35
CA GLY A 167 4.10 -21.67 13.67
C GLY A 167 4.75 -20.79 12.62
N THR A 168 4.80 -21.27 11.37
CA THR A 168 5.57 -20.59 10.33
C THR A 168 4.68 -20.04 9.23
N ILE A 169 3.37 -20.09 9.42
CA ILE A 169 2.44 -19.68 8.34
C ILE A 169 2.63 -18.19 8.16
N SER A 170 2.60 -17.75 6.91
CA SER A 170 2.85 -16.34 6.58
C SER A 170 1.54 -15.63 6.31
N ALA A 171 1.46 -14.37 6.72
CA ALA A 171 0.33 -13.46 6.43
C ALA A 171 0.47 -12.88 5.05
N PRO A 172 -0.61 -12.62 4.34
CA PRO A 172 -1.98 -12.79 4.84
C PRO A 172 -2.55 -14.22 4.73
N GLY A 173 -1.67 -15.22 4.63
CA GLY A 173 -2.06 -16.62 4.77
C GLY A 173 -2.80 -17.01 6.05
N THR A 174 -2.73 -16.13 7.05
CA THR A 174 -3.30 -16.37 8.38
C THR A 174 -4.75 -15.96 8.50
N ALA A 175 -5.30 -15.37 7.46
CA ALA A 175 -6.68 -14.92 7.41
C ALA A 175 -7.69 -16.08 7.54
N LYS A 176 -8.78 -15.87 8.26
CA LYS A 176 -9.82 -16.89 8.46
C LYS A 176 -10.52 -17.35 7.20
N ASN A 177 -10.84 -16.37 6.34
CA ASN A 177 -11.75 -16.55 5.21
C ASN A 177 -11.08 -16.80 3.90
N ALA A 178 -9.76 -16.84 3.91
CA ALA A 178 -8.99 -17.24 2.76
C ALA A 178 -8.82 -18.76 2.81
N ILE A 179 -8.66 -19.36 1.62
CA ILE A 179 -8.19 -20.71 1.46
C ILE A 179 -6.69 -20.58 1.34
N THR A 180 -5.97 -21.20 2.27
CA THR A 180 -4.51 -21.11 2.43
C THR A 180 -3.83 -22.44 2.02
N VAL A 181 -2.82 -22.40 1.17
CA VAL A 181 -2.37 -23.61 0.49
C VAL A 181 -0.89 -23.83 0.80
N GLY A 182 -0.57 -25.01 1.34
CA GLY A 182 0.78 -25.50 1.50
C GLY A 182 1.07 -26.47 0.37
N ALA A 183 2.30 -26.95 0.24
CA ALA A 183 2.70 -27.80 -0.90
C ALA A 183 3.03 -29.26 -0.52
N THR A 184 2.32 -30.23 -1.10
CA THR A 184 2.88 -31.58 -1.25
C THR A 184 3.85 -31.71 -2.46
N GLU A 185 4.40 -32.90 -2.63
CA GLU A 185 5.33 -33.14 -3.73
C GLU A 185 4.59 -33.47 -5.06
N ASN A 186 5.02 -32.87 -6.16
CA ASN A 186 4.62 -33.39 -7.47
C ASN A 186 5.27 -34.76 -7.62
N LEU A 187 4.86 -35.54 -8.59
CA LEU A 187 5.44 -36.84 -8.83
C LEU A 187 6.27 -36.89 -10.13
N ARG A 188 7.51 -36.41 -10.00
CA ARG A 188 8.57 -36.46 -11.01
C ARG A 188 9.81 -37.02 -10.30
N PRO A 189 9.90 -38.35 -10.15
CA PRO A 189 10.91 -38.93 -9.26
C PRO A 189 12.33 -38.72 -9.75
N SER A 190 12.51 -38.46 -11.04
CA SER A 190 13.81 -38.18 -11.63
C SER A 190 14.47 -36.88 -11.12
N PHE A 191 13.80 -36.17 -10.19
CA PHE A 191 14.27 -34.87 -9.70
C PHE A 191 14.97 -34.68 -8.31
N GLY A 192 14.96 -35.57 -7.33
CA GLY A 192 14.09 -36.71 -7.19
C GLY A 192 13.37 -36.71 -5.85
N SER A 193 14.04 -36.35 -4.75
CA SER A 193 13.50 -36.52 -3.40
C SER A 193 12.44 -35.47 -3.03
N TYR A 194 12.60 -34.26 -3.57
CA TYR A 194 11.58 -33.23 -3.47
C TYR A 194 10.34 -33.55 -4.36
N ALA A 195 10.37 -34.65 -5.12
CA ALA A 195 9.22 -35.08 -5.95
C ALA A 195 9.12 -36.61 -6.24
N ASP A 196 9.11 -37.44 -5.22
CA ASP A 196 8.97 -38.88 -5.42
C ASP A 196 7.85 -39.56 -4.61
N ASN A 197 7.06 -38.79 -3.87
CA ASN A 197 5.91 -39.31 -3.13
C ASN A 197 4.83 -38.24 -3.01
N ILE A 198 3.73 -38.41 -3.71
CA ILE A 198 2.62 -37.47 -3.64
C ILE A 198 2.09 -37.22 -2.20
N ASN A 199 2.45 -38.08 -1.24
CA ASN A 199 1.95 -37.97 0.13
C ASN A 199 2.93 -37.24 1.01
N HIS A 200 4.08 -36.89 0.44
CA HIS A 200 5.13 -36.22 1.16
C HIS A 200 4.89 -34.70 1.20
N VAL A 201 4.68 -34.15 2.40
CA VAL A 201 4.64 -32.69 2.61
C VAL A 201 6.04 -32.11 2.36
N ALA A 202 6.12 -30.98 1.65
CA ALA A 202 7.44 -30.45 1.26
C ALA A 202 8.13 -29.74 2.41
N GLN A 203 9.45 -29.88 2.48
CA GLN A 203 10.20 -29.34 3.63
C GLN A 203 9.89 -27.88 3.92
N PHE A 204 9.99 -27.06 2.88
CA PHE A 204 9.75 -25.62 2.95
C PHE A 204 8.32 -25.20 3.25
N SER A 205 7.34 -26.04 2.98
CA SER A 205 5.93 -25.72 3.25
C SER A 205 5.81 -25.18 4.67
N SER A 206 5.32 -23.97 4.82
CA SER A 206 5.10 -23.47 6.18
C SER A 206 4.05 -24.27 6.87
N ARG A 207 4.16 -24.32 8.18
CA ARG A 207 3.38 -25.24 8.93
C ARG A 207 2.58 -24.49 9.98
N GLY A 208 1.40 -25.03 10.30
CA GLY A 208 0.57 -24.49 11.36
C GLY A 208 1.10 -24.76 12.77
N PRO A 209 0.36 -24.30 13.77
CA PRO A 209 -0.87 -23.56 13.60
C PRO A 209 -0.53 -22.10 13.43
N THR A 210 -1.54 -21.25 13.33
CA THR A 210 -1.27 -19.83 13.43
C THR A 210 -1.10 -19.47 14.93
N ARG A 211 -0.76 -18.23 15.20
CA ARG A 211 -0.50 -17.76 16.54
C ARG A 211 -1.60 -18.14 17.54
N ASP A 212 -2.86 -18.05 17.11
CA ASP A 212 -3.99 -18.33 18.03
C ASP A 212 -4.42 -19.79 17.99
N GLY A 213 -3.63 -20.61 17.31
CA GLY A 213 -3.74 -22.07 17.40
C GLY A 213 -4.71 -22.68 16.41
N ARG A 214 -5.06 -21.92 15.36
CA ARG A 214 -5.94 -22.44 14.32
C ARG A 214 -5.18 -23.33 13.35
N ILE A 215 -5.90 -24.23 12.68
CA ILE A 215 -5.35 -24.97 11.54
C ILE A 215 -5.27 -24.13 10.24
N LYS A 216 -4.05 -23.75 9.88
CA LYS A 216 -3.61 -23.30 8.57
C LYS A 216 -2.35 -24.20 8.21
N PRO A 217 -2.07 -24.52 6.96
CA PRO A 217 -2.96 -24.25 5.82
C PRO A 217 -4.14 -25.16 5.89
N ASP A 218 -5.11 -24.76 5.08
CA ASP A 218 -6.40 -25.42 4.90
C ASP A 218 -6.33 -26.70 4.08
N VAL A 219 -5.55 -26.67 2.98
CA VAL A 219 -5.40 -27.82 2.08
C VAL A 219 -3.98 -27.85 1.44
N MET A 220 -3.67 -28.94 0.72
CA MET A 220 -2.37 -29.11 0.09
C MET A 220 -2.45 -29.40 -1.40
N ALA A 221 -1.29 -29.29 -2.04
CA ALA A 221 -1.21 -29.53 -3.45
C ALA A 221 0.25 -29.65 -3.87
N PRO A 222 0.47 -30.40 -4.92
CA PRO A 222 1.80 -30.50 -5.53
C PRO A 222 2.33 -29.12 -5.79
N GLY A 223 3.53 -28.81 -5.34
CA GLY A 223 4.13 -27.53 -5.65
C GLY A 223 5.64 -27.62 -5.55
N THR A 224 6.19 -28.82 -5.82
CA THR A 224 7.60 -29.02 -6.11
C THR A 224 7.74 -29.44 -7.56
N TYR A 225 8.81 -28.99 -8.23
CA TYR A 225 9.03 -29.26 -9.65
C TYR A 225 7.78 -29.22 -10.53
N ILE A 226 7.23 -28.03 -10.63
CA ILE A 226 5.99 -27.79 -11.35
C ILE A 226 6.44 -27.16 -12.64
N LEU A 227 6.15 -27.83 -13.75
CA LEU A 227 6.40 -27.30 -15.09
C LEU A 227 5.26 -26.35 -15.49
N SER A 228 5.58 -25.08 -15.67
CA SER A 228 4.57 -24.11 -16.06
C SER A 228 5.22 -23.06 -16.97
N ALA A 229 4.42 -22.13 -17.46
CA ALA A 229 4.87 -21.05 -18.31
C ALA A 229 6.12 -20.34 -17.81
N ARG A 230 7.08 -20.17 -18.72
CA ARG A 230 8.33 -19.48 -18.44
C ARG A 230 8.37 -18.12 -19.12
N SER A 231 8.73 -17.09 -18.35
CA SER A 231 8.67 -15.74 -18.84
C SER A 231 9.80 -15.54 -19.84
N SER A 232 9.52 -14.81 -20.92
CA SER A 232 10.54 -14.48 -21.93
C SER A 232 11.63 -13.55 -21.39
N LEU A 233 11.30 -12.93 -20.27
CA LEU A 233 12.22 -12.03 -19.57
C LEU A 233 12.88 -12.63 -18.32
N ALA A 234 12.36 -13.71 -17.78
CA ALA A 234 13.02 -14.33 -16.63
C ALA A 234 14.30 -15.11 -16.97
N PRO A 235 15.33 -14.96 -16.15
CA PRO A 235 16.57 -15.75 -16.27
C PRO A 235 16.50 -17.12 -15.58
N ASP A 236 17.49 -17.98 -15.84
CA ASP A 236 17.46 -19.35 -15.37
C ASP A 236 17.37 -19.45 -13.85
N SER A 237 17.86 -18.42 -13.15
CA SER A 237 17.98 -18.42 -11.69
C SER A 237 16.70 -18.24 -10.89
N SER A 238 15.62 -17.93 -11.58
CA SER A 238 14.31 -17.86 -10.94
C SER A 238 13.65 -19.25 -10.87
N PHE A 239 14.22 -20.20 -11.63
CA PHE A 239 13.70 -21.57 -11.76
C PHE A 239 14.49 -22.70 -11.04
N TRP A 240 13.77 -23.77 -10.71
CA TRP A 240 14.37 -25.00 -10.19
C TRP A 240 15.16 -25.76 -11.27
N ALA A 241 14.57 -25.85 -12.46
CA ALA A 241 15.20 -26.55 -13.57
C ALA A 241 14.71 -26.01 -14.90
N ASN A 242 15.59 -26.02 -15.90
CA ASN A 242 15.19 -25.67 -17.25
C ASN A 242 14.28 -26.73 -17.85
N HIS A 243 13.56 -26.33 -18.89
CA HIS A 243 12.92 -27.25 -19.80
C HIS A 243 13.09 -26.73 -21.26
N ASP A 244 12.36 -25.69 -21.67
CA ASP A 244 12.59 -25.01 -22.98
C ASP A 244 12.42 -23.49 -22.86
N SER A 245 12.24 -22.76 -23.98
CA SER A 245 12.12 -21.30 -23.93
C SER A 245 10.76 -20.82 -23.38
N LYS A 246 9.73 -21.62 -23.47
CA LYS A 246 8.41 -21.15 -23.01
C LYS A 246 7.92 -21.76 -21.71
N TYR A 247 8.69 -22.67 -21.13
CA TYR A 247 8.30 -23.49 -19.96
C TYR A 247 9.47 -23.95 -19.13
N ALA A 248 9.26 -24.01 -17.83
CA ALA A 248 10.35 -24.24 -16.88
C ALA A 248 9.81 -24.66 -15.53
N TYR A 249 10.71 -25.12 -14.67
CA TYR A 249 10.32 -25.69 -13.39
C TYR A 249 10.46 -24.74 -12.20
N MET A 250 9.40 -24.60 -11.39
CA MET A 250 9.56 -23.96 -10.05
C MET A 250 8.96 -24.82 -8.96
N GLY A 251 9.37 -24.56 -7.73
CA GLY A 251 8.80 -25.23 -6.57
C GLY A 251 8.57 -24.25 -5.44
N GLY A 252 7.52 -24.47 -4.64
CA GLY A 252 7.06 -23.49 -3.66
C GLY A 252 5.60 -23.64 -3.31
N THR A 253 5.22 -23.21 -2.11
CA THR A 253 3.79 -23.04 -1.84
C THR A 253 3.12 -22.09 -2.83
N SER A 254 3.93 -21.25 -3.50
CA SER A 254 3.50 -20.36 -4.59
C SER A 254 3.09 -21.12 -5.84
N MET A 255 3.56 -22.36 -5.99
CA MET A 255 3.20 -23.22 -7.13
C MET A 255 1.98 -24.06 -6.83
N ALA A 256 1.90 -24.54 -5.58
CA ALA A 256 0.70 -25.24 -5.07
C ALA A 256 -0.56 -24.37 -5.12
N THR A 257 -0.41 -23.12 -4.73
CA THR A 257 -1.57 -22.20 -4.56
C THR A 257 -2.43 -21.99 -5.86
N PRO A 258 -1.80 -21.66 -6.98
CA PRO A 258 -2.50 -21.54 -8.24
C PRO A 258 -3.05 -22.84 -8.79
N ILE A 259 -2.58 -23.99 -8.37
CA ILE A 259 -3.20 -25.24 -8.77
C ILE A 259 -4.59 -25.31 -8.11
N VAL A 260 -4.64 -24.94 -6.84
CA VAL A 260 -5.87 -24.98 -6.09
C VAL A 260 -6.77 -23.87 -6.55
N ALA A 261 -6.22 -22.69 -6.93
CA ALA A 261 -7.05 -21.66 -7.54
C ALA A 261 -7.75 -22.12 -8.83
N GLY A 262 -6.97 -22.64 -9.78
CA GLY A 262 -7.55 -23.31 -10.94
C GLY A 262 -8.61 -24.38 -10.63
N ASN A 263 -8.39 -25.14 -9.55
CA ASN A 263 -9.29 -26.21 -9.15
C ASN A 263 -10.57 -25.64 -8.59
N VAL A 264 -10.49 -24.42 -8.06
CA VAL A 264 -11.70 -23.68 -7.68
C VAL A 264 -12.47 -23.10 -8.84
N ALA A 265 -11.80 -22.76 -9.93
CA ALA A 265 -12.51 -22.25 -11.08
C ALA A 265 -13.33 -23.40 -11.66
N GLN A 266 -12.71 -24.57 -11.72
CA GLN A 266 -13.35 -25.83 -12.10
C GLN A 266 -14.48 -26.23 -11.17
N LEU A 267 -14.24 -26.11 -9.85
CA LEU A 267 -15.26 -26.48 -8.87
C LEU A 267 -16.46 -25.53 -8.95
N ARG A 268 -16.14 -24.23 -9.06
CA ARG A 268 -17.13 -23.16 -9.26
C ARG A 268 -17.92 -23.30 -10.56
N GLU A 269 -17.27 -23.58 -11.70
CA GLU A 269 -18.00 -23.80 -12.93
C GLU A 269 -19.05 -24.90 -12.73
N HIS A 270 -18.66 -26.00 -12.10
CA HIS A 270 -19.57 -27.14 -11.89
C HIS A 270 -20.81 -26.83 -11.06
N PHE A 271 -20.66 -25.95 -10.07
CA PHE A 271 -21.77 -25.59 -9.19
C PHE A 271 -22.81 -24.75 -9.96
N VAL A 272 -22.30 -23.73 -10.64
CA VAL A 272 -23.10 -22.81 -11.43
C VAL A 272 -23.74 -23.50 -12.64
N LYS A 273 -23.04 -24.45 -13.26
CA LYS A 273 -23.51 -24.98 -14.56
C LYS A 273 -24.27 -26.25 -14.37
N ASN A 274 -23.78 -27.10 -13.48
CA ASN A 274 -24.36 -28.43 -13.30
C ASN A 274 -25.19 -28.57 -12.03
N ARG A 275 -25.19 -27.55 -11.17
CA ARG A 275 -25.90 -27.71 -9.90
C ARG A 275 -26.82 -26.55 -9.56
N GLY A 276 -26.96 -25.60 -10.46
CA GLY A 276 -27.88 -24.50 -10.32
C GLY A 276 -27.65 -23.52 -9.22
N VAL A 277 -26.42 -23.42 -8.72
CA VAL A 277 -26.13 -22.48 -7.61
C VAL A 277 -24.79 -21.80 -7.83
N THR A 278 -24.71 -20.51 -7.52
CA THR A 278 -23.41 -19.87 -7.36
C THR A 278 -22.92 -20.15 -5.96
N PRO A 279 -21.86 -20.92 -5.83
CA PRO A 279 -21.33 -21.24 -4.50
C PRO A 279 -20.61 -20.06 -3.91
N LYS A 280 -20.91 -19.77 -2.64
CA LYS A 280 -20.19 -18.77 -1.90
C LYS A 280 -18.80 -19.31 -1.64
N PRO A 281 -17.88 -18.40 -1.35
CA PRO A 281 -16.54 -18.78 -0.90
C PRO A 281 -16.53 -19.85 0.21
N SER A 282 -17.55 -19.91 1.07
CA SER A 282 -17.53 -20.82 2.23
C SER A 282 -17.79 -22.24 1.76
N LEU A 283 -18.77 -22.41 0.88
CA LEU A 283 -18.99 -23.70 0.26
C LEU A 283 -17.76 -24.17 -0.52
N LEU A 284 -17.16 -23.26 -1.30
CA LEU A 284 -16.04 -23.65 -2.19
C LEU A 284 -14.92 -24.22 -1.35
N LYS A 285 -14.67 -23.57 -0.20
CA LYS A 285 -13.69 -24.02 0.78
C LYS A 285 -14.05 -25.33 1.44
N ALA A 286 -15.34 -25.45 1.83
CA ALA A 286 -15.82 -26.67 2.47
C ALA A 286 -15.73 -27.90 1.58
N ALA A 287 -16.08 -27.75 0.30
CA ALA A 287 -16.03 -28.84 -0.64
C ALA A 287 -14.59 -29.33 -0.89
N LEU A 288 -13.64 -28.41 -1.05
CA LEU A 288 -12.22 -28.77 -1.12
C LEU A 288 -11.80 -29.58 0.09
N ILE A 289 -12.21 -29.14 1.27
CA ILE A 289 -11.74 -29.71 2.54
C ILE A 289 -12.32 -31.13 2.70
N ALA A 290 -13.64 -31.26 2.61
CA ALA A 290 -14.32 -32.53 2.67
C ALA A 290 -13.75 -33.57 1.70
N GLY A 291 -13.39 -33.11 0.50
CA GLY A 291 -12.91 -33.97 -0.56
C GLY A 291 -11.44 -34.29 -0.43
N ALA A 292 -10.70 -33.55 0.41
CA ALA A 292 -9.23 -33.64 0.44
C ALA A 292 -8.70 -34.92 1.11
N ALA A 293 -7.44 -35.24 0.78
CA ALA A 293 -6.78 -36.53 1.00
C ALA A 293 -5.84 -36.50 2.18
N ASP A 294 -6.12 -37.34 3.18
CA ASP A 294 -5.16 -37.62 4.25
C ASP A 294 -3.90 -38.29 3.64
N VAL A 295 -2.77 -37.59 3.73
CA VAL A 295 -1.52 -38.04 3.14
C VAL A 295 -0.92 -39.14 4.04
N GLY A 296 -1.42 -39.20 5.26
CA GLY A 296 -1.06 -40.21 6.24
C GLY A 296 -0.57 -39.65 7.56
N LEU A 297 -0.57 -38.33 7.73
CA LEU A 297 -0.20 -37.69 8.99
C LEU A 297 -1.39 -37.59 9.97
N GLY A 298 -2.61 -37.73 9.46
CA GLY A 298 -3.76 -37.68 10.33
C GLY A 298 -4.16 -36.25 10.67
N PHE A 299 -5.20 -36.14 11.48
CA PHE A 299 -5.81 -34.87 11.82
C PHE A 299 -6.04 -34.79 13.35
N PRO A 300 -6.12 -33.57 13.87
CA PRO A 300 -5.80 -32.37 13.10
C PRO A 300 -4.29 -32.35 12.94
N ASN A 301 -3.78 -31.47 12.09
CA ASN A 301 -2.38 -31.48 11.75
C ASN A 301 -1.97 -30.21 11.01
N GLY A 302 -0.94 -29.53 11.51
CA GLY A 302 -0.55 -28.25 10.92
C GLY A 302 0.32 -28.40 9.69
N ASN A 303 0.85 -29.61 9.47
CA ASN A 303 1.73 -29.88 8.36
C ASN A 303 1.00 -30.06 7.02
N GLN A 304 -0.09 -30.83 7.04
CA GLN A 304 -0.91 -31.05 5.84
C GLN A 304 -2.24 -30.25 5.84
N GLY A 305 -2.60 -29.65 6.98
CA GLY A 305 -3.91 -29.08 7.14
C GLY A 305 -5.00 -30.13 7.11
N TRP A 306 -5.98 -29.97 6.21
CA TRP A 306 -7.09 -30.95 6.05
C TRP A 306 -6.82 -31.95 4.91
N GLY A 307 -5.62 -31.87 4.34
CA GLY A 307 -5.21 -32.80 3.29
C GLY A 307 -4.92 -32.17 1.93
N ARG A 308 -4.71 -33.06 0.98
CA ARG A 308 -4.25 -32.75 -0.35
C ARG A 308 -5.48 -32.81 -1.25
N VAL A 309 -5.68 -31.74 -1.99
CA VAL A 309 -6.89 -31.56 -2.78
C VAL A 309 -7.15 -32.82 -3.57
N THR A 310 -8.43 -33.14 -3.70
CA THR A 310 -8.91 -34.27 -4.47
C THR A 310 -10.24 -33.83 -5.12
N LEU A 311 -10.13 -33.33 -6.35
CA LEU A 311 -11.17 -32.50 -6.92
C LEU A 311 -12.47 -33.25 -7.26
N ASP A 312 -12.33 -34.43 -7.86
CA ASP A 312 -13.50 -35.26 -8.17
C ASP A 312 -14.41 -35.54 -6.97
N LYS A 313 -13.79 -35.70 -5.81
CA LYS A 313 -14.53 -35.86 -4.57
C LYS A 313 -15.27 -34.57 -4.16
N SER A 314 -14.62 -33.42 -4.28
CA SER A 314 -15.29 -32.16 -4.01
C SER A 314 -16.45 -31.81 -4.98
N LEU A 315 -16.43 -32.31 -6.24
CA LEU A 315 -17.49 -31.94 -7.19
C LEU A 315 -18.95 -32.29 -6.81
N ASN A 316 -19.21 -33.49 -6.29
CA ASN A 316 -20.62 -33.88 -6.06
C ASN A 316 -21.03 -33.93 -4.57
N VAL A 317 -20.47 -33.01 -3.80
CA VAL A 317 -20.83 -32.90 -2.39
C VAL A 317 -22.32 -32.56 -2.17
N ALA A 318 -22.94 -33.16 -1.15
CA ALA A 318 -24.21 -32.64 -0.60
C ALA A 318 -23.91 -31.33 0.15
N PHE A 319 -24.74 -30.30 0.02
CA PHE A 319 -24.35 -28.99 0.54
C PHE A 319 -25.41 -28.13 1.11
N VAL A 320 -24.94 -27.27 1.99
CA VAL A 320 -25.67 -26.08 2.35
C VAL A 320 -24.80 -24.90 1.92
N ASN A 321 -25.42 -23.95 1.24
CA ASN A 321 -24.71 -22.85 0.64
C ASN A 321 -25.08 -21.55 1.32
N GLU A 322 -24.77 -21.44 2.62
CA GLU A 322 -25.04 -20.20 3.37
C GLU A 322 -26.52 -19.79 3.44
N THR A 323 -27.45 -20.74 3.25
CA THR A 323 -28.89 -20.46 3.25
C THR A 323 -29.56 -20.54 4.64
N SER A 324 -28.77 -20.70 5.70
CA SER A 324 -29.30 -20.76 7.06
C SER A 324 -28.53 -19.80 7.99
N PRO A 325 -29.04 -18.58 8.09
CA PRO A 325 -28.53 -17.61 9.08
C PRO A 325 -28.72 -18.04 10.53
N LEU A 326 -27.79 -17.63 11.38
CA LEU A 326 -27.85 -18.01 12.78
C LEU A 326 -27.41 -16.90 13.71
N SER A 327 -28.26 -16.64 14.69
CA SER A 327 -27.94 -15.74 15.81
C SER A 327 -27.67 -16.61 17.10
N THR A 328 -27.03 -16.05 18.11
CA THR A 328 -26.63 -16.87 19.26
C THR A 328 -27.81 -17.67 19.85
N SER A 329 -27.54 -18.96 20.08
CA SER A 329 -28.40 -19.97 20.73
C SER A 329 -29.32 -20.78 19.78
N GLN A 330 -29.61 -20.27 18.59
CA GLN A 330 -30.38 -21.01 17.57
C GLN A 330 -29.52 -22.11 16.98
N LYS A 331 -30.13 -22.97 16.18
CA LYS A 331 -29.42 -24.10 15.53
C LYS A 331 -30.13 -24.47 14.23
N ALA A 332 -29.36 -24.98 13.26
CA ALA A 332 -29.89 -25.56 12.03
C ALA A 332 -29.64 -27.07 12.09
N THR A 333 -30.62 -27.82 11.64
CA THR A 333 -30.63 -29.26 11.84
C THR A 333 -30.95 -29.94 10.52
N TYR A 334 -30.15 -30.95 10.18
CA TYR A 334 -30.28 -31.69 8.92
C TYR A 334 -30.09 -33.15 9.19
N SER A 335 -30.61 -33.98 8.31
CA SER A 335 -30.43 -35.43 8.41
C SER A 335 -29.77 -35.90 7.15
N PHE A 336 -28.90 -36.90 7.31
CA PHE A 336 -28.11 -37.49 6.22
C PHE A 336 -28.06 -39.00 6.49
N THR A 337 -28.39 -39.82 5.50
CA THR A 337 -28.32 -41.27 5.69
C THR A 337 -27.07 -41.82 5.05
N ALA A 338 -26.26 -42.46 5.89
CA ALA A 338 -24.96 -43.00 5.54
C ALA A 338 -25.07 -44.48 5.28
N GLN A 339 -24.21 -44.94 4.39
CA GLN A 339 -24.09 -46.36 4.10
C GLN A 339 -22.81 -46.84 4.72
N ALA A 340 -22.84 -48.04 5.30
CA ALA A 340 -21.65 -48.63 5.92
C ALA A 340 -20.71 -49.14 4.83
N GLY A 341 -19.43 -48.88 5.00
CA GLY A 341 -18.45 -49.31 4.01
C GLY A 341 -17.68 -48.21 3.33
N LYS A 342 -18.23 -46.97 3.35
CA LYS A 342 -17.52 -45.80 2.81
C LYS A 342 -17.33 -44.75 3.91
N PRO A 343 -16.23 -44.01 3.89
CA PRO A 343 -16.09 -42.89 4.84
C PRO A 343 -17.19 -41.85 4.63
N LEU A 344 -17.56 -41.15 5.68
CA LEU A 344 -18.50 -40.03 5.63
C LEU A 344 -17.73 -38.79 6.11
N LYS A 345 -17.59 -37.76 5.28
CA LYS A 345 -16.92 -36.54 5.69
C LYS A 345 -17.86 -35.28 5.70
N ILE A 346 -17.93 -34.60 6.84
CA ILE A 346 -18.73 -33.38 7.00
C ILE A 346 -17.85 -32.20 7.44
N SER A 347 -17.78 -31.20 6.57
CA SER A 347 -17.04 -29.96 6.80
C SER A 347 -17.99 -28.79 6.94
N LEU A 348 -17.85 -28.09 8.05
CA LEU A 348 -18.61 -26.90 8.34
C LEU A 348 -17.62 -25.79 8.16
N VAL A 349 -17.95 -24.82 7.29
CA VAL A 349 -17.13 -23.64 7.03
C VAL A 349 -17.98 -22.38 7.09
N TRP A 350 -17.50 -21.36 7.83
CA TRP A 350 -18.06 -19.99 7.68
C TRP A 350 -17.06 -18.83 7.35
N SER A 351 -17.58 -17.76 6.77
CA SER A 351 -16.84 -16.53 6.52
C SER A 351 -17.08 -15.64 7.71
N ASP A 352 -16.05 -15.57 8.55
CA ASP A 352 -16.24 -15.05 9.89
C ASP A 352 -16.02 -13.56 9.84
N ALA A 353 -16.74 -12.81 10.66
CA ALA A 353 -16.45 -11.38 10.73
C ALA A 353 -14.94 -11.32 10.91
N PRO A 354 -14.36 -10.16 10.61
CA PRO A 354 -12.91 -10.04 10.79
C PRO A 354 -12.54 -9.88 12.27
N GLY A 355 -11.41 -10.46 12.65
CA GLY A 355 -10.93 -10.34 14.00
C GLY A 355 -10.01 -9.12 14.17
N SER A 356 -9.43 -9.09 15.34
CA SER A 356 -8.55 -7.98 15.73
C SER A 356 -7.10 -8.45 15.60
N THR A 357 -6.18 -7.53 15.33
CA THR A 357 -4.77 -7.89 15.21
C THR A 357 -4.10 -8.10 16.56
N THR A 358 -4.85 -7.91 17.62
CA THR A 358 -4.23 -7.89 18.93
C THR A 358 -4.96 -8.72 19.96
N ALA A 359 -6.02 -9.39 19.55
CA ALA A 359 -6.74 -10.25 20.50
C ALA A 359 -6.02 -11.55 20.63
N SER A 360 -6.29 -12.23 21.75
CA SER A 360 -5.87 -13.59 22.00
C SER A 360 -6.30 -14.60 20.91
N LEU A 361 -7.55 -14.49 20.44
CA LEU A 361 -8.09 -15.36 19.40
C LEU A 361 -8.65 -14.47 18.33
N THR A 362 -8.54 -14.90 17.08
CA THR A 362 -9.14 -14.15 15.99
C THR A 362 -10.63 -14.43 15.79
N LEU A 363 -11.10 -15.59 16.25
CA LEU A 363 -12.47 -16.02 15.98
C LEU A 363 -13.40 -14.95 16.53
N VAL A 364 -14.52 -14.69 15.84
CA VAL A 364 -15.52 -13.74 16.33
C VAL A 364 -16.84 -14.49 16.59
N ASN A 365 -17.49 -14.93 15.51
CA ASN A 365 -18.66 -15.82 15.57
C ASN A 365 -18.28 -17.30 15.71
N ASP A 366 -18.74 -17.91 16.79
CA ASP A 366 -18.44 -19.31 17.12
C ASP A 366 -19.59 -20.29 16.79
N LEU A 367 -19.49 -21.00 15.68
CA LEU A 367 -20.44 -22.09 15.37
C LEU A 367 -19.85 -23.47 15.68
N ASP A 368 -20.72 -24.40 16.05
CA ASP A 368 -20.26 -25.73 16.54
C ASP A 368 -20.97 -26.79 15.71
N LEU A 369 -20.21 -27.70 15.12
CA LEU A 369 -20.80 -28.76 14.32
C LEU A 369 -20.99 -29.91 15.28
N VAL A 370 -22.10 -30.63 15.15
CA VAL A 370 -22.45 -31.65 16.10
C VAL A 370 -23.18 -32.74 15.37
N ILE A 371 -22.52 -33.87 15.24
CA ILE A 371 -23.01 -35.01 14.50
C ILE A 371 -23.49 -36.08 15.51
N THR A 372 -24.58 -36.77 15.20
CA THR A 372 -25.22 -37.79 16.05
C THR A 372 -25.55 -39.05 15.21
N ALA A 373 -24.72 -40.09 15.33
CA ALA A 373 -24.88 -41.41 14.67
C ALA A 373 -26.21 -42.08 14.99
N PRO A 374 -26.66 -43.07 14.17
CA PRO A 374 -27.87 -43.87 14.47
C PRO A 374 -27.95 -44.38 15.91
N ASN A 375 -26.85 -44.93 16.42
CA ASN A 375 -26.76 -45.57 17.74
C ASN A 375 -26.50 -44.64 18.93
N GLY A 376 -26.62 -43.32 18.71
CA GLY A 376 -26.42 -42.37 19.81
C GLY A 376 -25.02 -41.78 20.04
N THR A 377 -24.01 -42.28 19.34
CA THR A 377 -22.66 -41.73 19.44
C THR A 377 -22.60 -40.29 18.91
N LYS A 378 -21.78 -39.49 19.56
CA LYS A 378 -21.74 -38.07 19.24
C LYS A 378 -20.34 -37.63 18.91
N TYR A 379 -20.23 -36.82 17.86
CA TYR A 379 -19.00 -36.23 17.44
C TYR A 379 -19.21 -34.72 17.42
N VAL A 380 -18.27 -33.96 17.98
CA VAL A 380 -18.17 -32.52 17.75
C VAL A 380 -17.02 -32.17 16.78
N GLY A 381 -17.05 -30.94 16.30
CA GLY A 381 -16.23 -30.54 15.16
C GLY A 381 -14.78 -30.50 15.58
N ASN A 382 -13.92 -31.16 14.78
CA ASN A 382 -12.46 -31.24 14.97
C ASN A 382 -11.96 -32.04 16.20
N ASP A 383 -12.82 -32.86 16.78
CA ASP A 383 -12.44 -33.66 17.93
C ASP A 383 -12.10 -35.07 17.46
N PHE A 384 -10.82 -35.35 17.29
CA PHE A 384 -10.38 -36.66 16.75
C PHE A 384 -9.85 -37.63 17.85
N THR A 385 -9.93 -37.25 19.12
CA THR A 385 -9.54 -38.15 20.22
C THR A 385 -10.82 -38.75 20.78
N ALA A 386 -10.92 -40.08 20.86
CA ALA A 386 -12.04 -40.79 21.54
C ALA A 386 -12.17 -40.31 22.96
N PRO A 387 -13.40 -40.17 23.48
CA PRO A 387 -14.64 -40.16 22.68
C PRO A 387 -14.77 -38.81 21.98
N TYR A 388 -15.46 -38.76 20.87
CA TYR A 388 -15.29 -37.59 19.97
C TYR A 388 -16.20 -36.41 20.27
N ASP A 389 -16.72 -36.34 21.51
CA ASP A 389 -17.70 -35.33 21.88
C ASP A 389 -17.36 -34.46 23.12
N ASN A 390 -16.14 -34.51 23.61
CA ASN A 390 -15.78 -33.76 24.82
C ASN A 390 -14.82 -32.61 24.58
N ASN A 391 -14.34 -32.46 23.35
CA ASN A 391 -13.42 -31.38 23.02
C ASN A 391 -14.03 -30.45 21.98
N TRP A 392 -14.74 -29.43 22.47
CA TRP A 392 -15.38 -28.40 21.67
C TRP A 392 -14.39 -27.40 21.06
N ASP A 393 -14.65 -26.93 19.82
CA ASP A 393 -13.72 -26.04 19.12
C ASP A 393 -14.14 -24.58 19.32
N GLY A 394 -13.24 -23.74 19.77
CA GLY A 394 -13.51 -22.30 19.88
C GLY A 394 -12.48 -21.39 19.22
N ARG A 395 -11.70 -21.93 18.30
CA ARG A 395 -10.69 -21.16 17.57
C ARG A 395 -10.89 -21.06 16.04
N ASN A 396 -11.59 -22.04 15.46
CA ASN A 396 -11.59 -22.30 14.06
C ASN A 396 -12.94 -21.99 13.43
N ASN A 397 -12.87 -21.45 12.22
CA ASN A 397 -14.05 -21.19 11.39
C ASN A 397 -14.18 -22.26 10.31
N VAL A 398 -13.45 -23.36 10.53
CA VAL A 398 -13.67 -24.64 9.91
C VAL A 398 -13.98 -25.61 11.08
N GLU A 399 -14.99 -26.47 10.92
CA GLU A 399 -15.24 -27.61 11.83
C GLU A 399 -15.55 -28.86 11.00
N ASN A 400 -14.82 -29.93 11.30
CA ASN A 400 -14.88 -31.21 10.56
C ASN A 400 -15.17 -32.41 11.45
N VAL A 401 -16.06 -33.27 10.98
CA VAL A 401 -16.17 -34.63 11.52
C VAL A 401 -15.97 -35.61 10.42
N PHE A 402 -14.95 -36.48 10.51
CA PHE A 402 -14.69 -37.49 9.46
C PHE A 402 -14.69 -38.87 10.07
N ILE A 403 -15.52 -39.78 9.53
CA ILE A 403 -15.66 -41.17 10.05
C ILE A 403 -15.26 -42.24 9.01
N ASN A 404 -14.22 -43.00 9.33
CA ASN A 404 -13.67 -44.07 8.47
C ASN A 404 -14.79 -44.99 7.95
N ALA A 405 -15.44 -45.60 8.94
CA ALA A 405 -16.43 -46.68 8.80
C ALA A 405 -17.65 -46.27 9.64
N PRO A 406 -18.49 -45.44 9.02
CA PRO A 406 -19.82 -45.11 9.56
C PRO A 406 -20.83 -46.28 9.64
N GLN A 407 -21.91 -46.07 10.40
CA GLN A 407 -23.08 -46.95 10.44
C GLN A 407 -24.05 -46.78 9.25
N SER A 408 -24.73 -47.86 8.89
CA SER A 408 -25.84 -47.78 7.95
C SER A 408 -27.05 -47.25 8.73
N GLY A 409 -27.62 -46.14 8.27
CA GLY A 409 -28.51 -45.37 9.13
C GLY A 409 -28.36 -43.88 8.96
N THR A 410 -29.30 -43.15 9.57
CA THR A 410 -29.38 -41.72 9.44
C THR A 410 -28.51 -41.04 10.49
N TYR A 411 -27.65 -40.15 10.04
CA TYR A 411 -26.92 -39.27 10.90
C TYR A 411 -27.65 -37.92 10.92
N THR A 412 -27.74 -37.35 12.09
CA THR A 412 -28.07 -35.95 12.29
C THR A 412 -26.81 -35.06 12.26
N VAL A 413 -26.90 -33.99 11.48
CA VAL A 413 -25.87 -32.98 11.32
C VAL A 413 -26.49 -31.68 11.84
N GLU A 414 -26.00 -31.19 12.96
CA GLU A 414 -26.49 -29.93 13.54
C GLU A 414 -25.39 -28.88 13.68
N VAL A 415 -25.68 -27.66 13.29
CA VAL A 415 -24.76 -26.54 13.42
C VAL A 415 -25.38 -25.69 14.54
N GLN A 416 -24.60 -25.42 15.57
CA GLN A 416 -25.09 -24.69 16.76
C GLN A 416 -24.42 -23.31 16.85
N ALA A 417 -25.23 -22.25 16.96
CA ALA A 417 -24.73 -20.92 17.25
C ALA A 417 -24.38 -20.78 18.74
N TYR A 418 -23.11 -20.99 19.08
CA TYR A 418 -22.65 -20.93 20.46
C TYR A 418 -22.63 -19.50 20.96
N ASN A 419 -21.99 -18.65 20.16
CA ASN A 419 -21.79 -17.26 20.51
C ASN A 419 -21.51 -16.48 19.24
N VAL A 420 -22.47 -15.65 18.84
CA VAL A 420 -22.52 -15.08 17.53
C VAL A 420 -22.66 -13.61 17.77
N PRO A 421 -21.56 -12.98 18.19
CA PRO A 421 -21.52 -11.55 18.50
C PRO A 421 -21.78 -10.63 17.31
N VAL A 422 -21.32 -10.96 16.10
CA VAL A 422 -21.52 -10.04 14.99
C VAL A 422 -22.39 -10.77 13.98
N GLY A 423 -23.63 -11.07 14.38
CA GLY A 423 -24.53 -11.89 13.58
C GLY A 423 -25.62 -11.16 12.81
N PRO A 424 -26.49 -11.91 12.12
CA PRO A 424 -26.48 -13.39 12.11
C PRO A 424 -25.36 -13.92 11.22
N GLN A 425 -24.92 -15.18 11.40
CA GLN A 425 -23.84 -15.74 10.63
C GLN A 425 -24.34 -16.88 9.76
N THR A 426 -24.14 -16.75 8.46
CA THR A 426 -24.40 -17.87 7.54
C THR A 426 -23.22 -18.86 7.62
N PHE A 427 -23.41 -20.06 7.09
CA PHE A 427 -22.36 -21.10 7.06
C PHE A 427 -22.58 -21.97 5.82
N SER A 428 -21.54 -22.68 5.39
CA SER A 428 -21.74 -23.73 4.42
C SER A 428 -21.46 -25.10 5.03
N LEU A 429 -21.96 -26.12 4.39
CA LEU A 429 -21.62 -27.52 4.72
C LEU A 429 -21.27 -28.24 3.48
N ALA A 430 -20.29 -29.12 3.55
CA ALA A 430 -20.07 -30.06 2.45
C ALA A 430 -19.96 -31.44 3.06
N ILE A 431 -20.64 -32.38 2.42
CA ILE A 431 -20.64 -33.76 2.87
C ILE A 431 -20.24 -34.63 1.71
N VAL A 432 -19.23 -35.47 1.98
CA VAL A 432 -18.85 -36.52 1.07
C VAL A 432 -19.18 -37.86 1.71
N HIS A 433 -19.94 -38.67 0.98
CA HIS A 433 -20.11 -40.06 1.31
C HIS A 433 -19.87 -40.99 0.09
N 5VV B 1 -7.56 31.38 -0.45
C9 5VV B 1 -7.53 31.96 0.72
O10 5VV B 1 -8.52 31.92 1.45
O11 5VV B 1 -6.51 32.55 1.09
CA 5VV B 1 -6.47 31.51 -1.41
CB 5VV B 1 -6.79 30.74 -2.71
CG 5VV B 1 -6.97 29.24 -2.47
ND2 5VV B 1 -7.83 28.53 -3.38
OD1 5VV B 1 -6.32 28.61 -1.42
C 5VV B 1 -6.18 32.99 -1.69
O 5VV B 1 -4.99 33.32 -1.61
N ASP B 2 -7.18 33.81 -1.96
CA ASP B 2 -6.94 35.20 -2.44
C ASP B 2 -6.06 35.96 -1.44
N VAL B 3 -6.34 35.78 -0.17
CA VAL B 3 -5.62 36.42 0.93
C VAL B 3 -4.24 35.78 1.16
N ALA B 4 -4.19 34.45 1.20
CA ALA B 4 -2.94 33.76 1.52
C ALA B 4 -1.88 34.13 0.45
N ARG B 5 -2.39 34.44 -0.75
CA ARG B 5 -1.61 34.77 -1.93
C ARG B 5 -0.71 35.97 -1.67
N GLY B 6 -1.31 37.01 -1.10
CA GLY B 6 -0.63 38.21 -0.71
C GLY B 6 0.20 38.02 0.55
N ILE B 7 -0.24 37.18 1.50
CA ILE B 7 0.56 36.91 2.69
C ILE B 7 1.89 36.24 2.27
N VAL B 8 1.84 35.29 1.33
CA VAL B 8 3.06 34.56 0.96
C VAL B 8 3.81 35.23 -0.20
N LYS B 9 3.37 36.44 -0.59
CA LYS B 9 3.90 37.17 -1.75
C LYS B 9 3.82 36.41 -3.11
N ALA B 10 2.76 35.62 -3.25
CA ALA B 10 2.40 35.04 -4.54
C ALA B 10 1.84 36.11 -5.49
N ASP B 11 1.24 37.16 -4.94
CA ASP B 11 0.75 38.29 -5.70
C ASP B 11 1.89 39.05 -6.35
N VAL B 12 3.03 39.16 -5.66
CA VAL B 12 4.21 39.79 -6.21
C VAL B 12 4.85 38.91 -7.28
N ALA B 13 4.99 37.61 -7.01
CA ALA B 13 5.58 36.71 -8.01
C ALA B 13 4.77 36.69 -9.33
N GLN B 14 3.46 36.90 -9.25
CA GLN B 14 2.58 36.88 -10.43
C GLN B 14 2.60 38.22 -11.15
N ASN B 15 2.17 39.25 -10.45
CA ASN B 15 2.04 40.57 -11.08
C ASN B 15 3.34 41.13 -11.64
N ASN B 16 4.40 41.00 -10.84
CA ASN B 16 5.66 41.68 -11.09
C ASN B 16 6.69 40.82 -11.84
N PHE B 17 6.61 39.50 -11.70
CA PHE B 17 7.55 38.56 -12.35
C PHE B 17 6.87 37.67 -13.39
N GLY B 18 5.55 37.73 -13.44
CA GLY B 18 4.76 36.97 -14.42
C GLY B 18 4.70 35.49 -14.10
N LEU B 19 4.95 35.12 -12.85
CA LEU B 19 5.05 33.71 -12.46
C LEU B 19 3.72 33.20 -11.94
N TYR B 20 3.05 32.47 -12.82
CA TYR B 20 1.76 31.86 -12.58
C TYR B 20 1.92 30.36 -12.59
N GLY B 21 3.15 29.91 -12.82
CA GLY B 21 3.42 28.49 -12.85
C GLY B 21 3.22 27.85 -14.21
N GLN B 22 3.00 28.62 -15.27
CA GLN B 22 2.87 28.01 -16.60
C GLN B 22 4.08 27.10 -16.83
N GLY B 23 3.88 25.99 -17.51
CA GLY B 23 4.97 25.09 -17.84
C GLY B 23 5.33 24.03 -16.79
N GLN B 24 4.93 24.23 -15.54
CA GLN B 24 5.15 23.20 -14.49
C GLN B 24 4.01 22.17 -14.35
N ILE B 25 4.32 20.91 -14.08
CA ILE B 25 3.27 19.93 -13.67
C ILE B 25 3.31 19.54 -12.17
N VAL B 26 2.36 20.05 -11.38
CA VAL B 26 2.19 19.60 -9.97
C VAL B 26 1.31 18.34 -9.81
N ALA B 27 1.81 17.33 -9.10
CA ALA B 27 0.94 16.22 -8.68
C ALA B 27 0.48 16.40 -7.23
N VAL B 28 -0.81 16.18 -7.00
CA VAL B 28 -1.46 16.14 -5.66
C VAL B 28 -2.01 14.76 -5.41
N ALA B 29 -1.56 14.06 -4.33
CA ALA B 29 -2.20 12.81 -3.89
C ALA B 29 -3.08 13.02 -2.65
N ASP B 30 -4.37 12.73 -2.86
CA ASP B 30 -5.40 13.12 -1.93
C ASP B 30 -6.71 12.38 -2.28
N THR B 31 -7.81 12.77 -1.63
CA THR B 31 -8.97 11.94 -1.48
C THR B 31 -9.59 11.63 -2.81
N GLY B 32 -10.07 12.69 -3.47
CA GLY B 32 -10.72 12.62 -4.78
C GLY B 32 -10.66 14.00 -5.43
N LEU B 33 -11.04 14.10 -6.71
CA LEU B 33 -11.16 15.39 -7.42
C LEU B 33 -12.53 15.56 -8.08
N ASP B 34 -13.41 16.27 -7.34
CA ASP B 34 -14.77 16.65 -7.76
C ASP B 34 -15.56 15.44 -8.25
N THR B 35 -15.80 15.34 -9.56
CA THR B 35 -16.65 14.29 -10.18
C THR B 35 -15.85 13.07 -10.69
N GLY B 36 -14.52 13.22 -10.73
CA GLY B 36 -13.60 12.12 -10.98
C GLY B 36 -13.44 11.80 -12.44
N ARG B 37 -14.06 12.64 -13.27
CA ARG B 37 -13.99 12.55 -14.73
C ARG B 37 -13.24 13.79 -15.21
N ASN B 38 -12.16 13.58 -15.96
CA ASN B 38 -11.43 14.63 -16.65
C ASN B 38 -12.22 15.06 -17.93
N ASP B 39 -13.43 15.58 -17.73
CA ASP B 39 -14.32 15.99 -18.81
C ASP B 39 -15.09 17.26 -18.36
N SER B 40 -16.26 17.52 -18.95
CA SER B 40 -16.90 18.85 -18.85
C SER B 40 -17.68 19.05 -17.58
N SER B 41 -18.05 17.95 -16.92
CA SER B 41 -18.59 17.97 -15.56
C SER B 41 -17.60 18.48 -14.51
N MET B 42 -16.30 18.45 -14.81
CA MET B 42 -15.25 18.73 -13.79
C MET B 42 -15.34 20.15 -13.23
N HIS B 43 -15.06 20.31 -11.94
CA HIS B 43 -15.09 21.61 -11.28
C HIS B 43 -14.36 22.63 -12.19
N GLU B 44 -14.87 23.87 -12.24
CA GLU B 44 -14.33 24.91 -13.10
C GLU B 44 -12.90 25.34 -12.75
N ALA B 45 -12.37 24.96 -11.55
CA ALA B 45 -10.97 25.30 -11.24
C ALA B 45 -9.94 24.47 -12.03
N PHE B 46 -10.36 23.28 -12.50
CA PHE B 46 -9.41 22.26 -12.98
C PHE B 46 -9.75 21.75 -14.40
N ARG B 47 -10.96 22.04 -14.84
CA ARG B 47 -11.49 21.62 -16.13
C ARG B 47 -10.50 22.01 -17.21
N GLY B 48 -9.95 21.07 -17.94
CA GLY B 48 -9.07 21.40 -19.05
C GLY B 48 -7.59 21.45 -18.76
N LYS B 49 -7.20 21.30 -17.50
CA LYS B 49 -5.81 21.36 -17.07
C LYS B 49 -5.39 20.15 -16.23
N ILE B 50 -6.08 19.03 -16.39
CA ILE B 50 -5.69 17.78 -15.75
C ILE B 50 -4.80 16.96 -16.71
N THR B 51 -3.48 17.09 -16.55
CA THR B 51 -2.57 16.22 -17.29
C THR B 51 -3.04 14.76 -17.13
N ALA B 52 -3.51 14.41 -15.92
CA ALA B 52 -3.87 13.02 -15.59
C ALA B 52 -4.68 12.91 -14.29
N LEU B 53 -5.71 12.06 -14.32
CA LEU B 53 -6.52 11.75 -13.17
C LEU B 53 -6.46 10.23 -12.93
N TYR B 54 -5.85 9.83 -11.81
CA TYR B 54 -5.74 8.42 -11.47
C TYR B 54 -6.59 8.01 -10.26
N ALA B 55 -7.35 6.92 -10.39
CA ALA B 55 -8.04 6.30 -9.27
C ALA B 55 -7.28 5.11 -8.68
N LEU B 56 -6.63 5.36 -7.55
CA LEU B 56 -5.80 4.39 -6.91
C LEU B 56 -6.63 3.60 -5.88
N GLY B 57 -7.49 4.27 -5.14
CA GLY B 57 -8.13 3.69 -3.95
C GLY B 57 -9.52 3.07 -4.13
N ARG B 58 -10.15 3.39 -5.25
CA ARG B 58 -11.50 2.88 -5.54
C ARG B 58 -11.56 2.67 -6.99
N THR B 59 -12.28 1.61 -7.38
CA THR B 59 -12.18 1.08 -8.74
C THR B 59 -12.92 1.98 -9.74
N ASN B 60 -12.16 2.67 -10.60
CA ASN B 60 -12.76 3.58 -11.58
C ASN B 60 -13.62 4.73 -10.99
N ASN B 61 -13.25 5.19 -9.81
CA ASN B 61 -13.86 6.36 -9.17
C ASN B 61 -12.75 7.18 -8.51
N ALA B 62 -12.47 8.36 -9.05
CA ALA B 62 -11.54 9.27 -8.40
C ALA B 62 -12.24 10.53 -7.88
N ASN B 63 -13.55 10.42 -7.68
CA ASN B 63 -14.39 11.54 -7.26
C ASN B 63 -14.27 11.78 -5.77
N ASP B 64 -14.88 12.86 -5.32
CA ASP B 64 -14.57 13.38 -3.97
C ASP B 64 -15.78 13.76 -3.10
N PRO B 65 -16.40 12.76 -2.47
CA PRO B 65 -17.54 13.06 -1.59
C PRO B 65 -17.04 13.59 -0.23
N ASN B 66 -15.72 13.61 -0.02
CA ASN B 66 -15.13 14.15 1.18
C ASN B 66 -14.99 15.68 1.08
N GLY B 67 -14.31 16.15 0.03
CA GLY B 67 -14.04 17.57 -0.21
C GLY B 67 -12.57 17.97 -0.03
N HIS B 68 -11.78 17.13 0.65
CA HIS B 68 -10.35 17.38 0.98
C HIS B 68 -9.52 17.68 -0.27
N GLY B 69 -9.38 16.68 -1.12
CA GLY B 69 -8.54 16.76 -2.31
C GLY B 69 -8.91 17.87 -3.28
N THR B 70 -10.21 18.17 -3.36
CA THR B 70 -10.71 19.18 -4.29
C THR B 70 -10.32 20.56 -3.78
N HIS B 71 -10.40 20.73 -2.47
CA HIS B 71 -10.03 22.00 -1.85
C HIS B 71 -8.54 22.24 -1.97
N VAL B 72 -7.78 21.17 -1.75
CA VAL B 72 -6.34 21.19 -1.66
C VAL B 72 -5.69 21.40 -3.02
N ALA B 73 -6.21 20.74 -4.07
CA ALA B 73 -5.82 21.02 -5.45
C ALA B 73 -6.22 22.43 -5.83
N GLY B 74 -7.29 22.95 -5.22
CA GLY B 74 -7.71 24.33 -5.42
C GLY B 74 -6.62 25.29 -5.02
N SER B 75 -6.01 25.05 -3.87
CA SER B 75 -4.97 25.90 -3.34
C SER B 75 -3.65 25.78 -4.12
N VAL B 76 -3.38 24.62 -4.70
CA VAL B 76 -2.18 24.50 -5.53
C VAL B 76 -2.40 25.38 -6.77
N LEU B 77 -3.51 25.17 -7.48
CA LEU B 77 -3.54 25.57 -8.88
C LEU B 77 -4.90 25.85 -9.53
N GLY B 78 -5.93 26.09 -8.73
CA GLY B 78 -7.23 26.40 -9.25
C GLY B 78 -7.12 27.58 -10.20
N ASN B 79 -7.83 27.52 -11.33
CA ASN B 79 -7.82 28.62 -12.29
C ASN B 79 -9.19 29.22 -12.65
N ALA B 80 -10.12 29.18 -11.71
CA ALA B 80 -11.41 29.84 -11.87
C ALA B 80 -11.38 31.11 -11.06
N THR B 81 -12.15 31.19 -9.98
CA THR B 81 -11.96 32.24 -9.05
C THR B 81 -11.36 31.59 -7.80
N ASN B 82 -11.02 32.42 -6.83
CA ASN B 82 -10.32 31.95 -5.63
C ASN B 82 -9.21 31.03 -6.11
N LYS B 83 -8.35 31.53 -7.00
CA LYS B 83 -7.33 30.70 -7.66
C LYS B 83 -6.22 30.19 -6.73
N GLY B 84 -5.59 29.08 -7.10
CA GLY B 84 -4.38 28.59 -6.43
C GLY B 84 -3.22 29.52 -6.78
N MET B 85 -2.11 29.39 -6.06
CA MET B 85 -0.92 30.27 -6.16
C MET B 85 -0.22 30.25 -7.55
N ALA B 86 -0.38 29.12 -8.22
CA ALA B 86 0.18 28.86 -9.54
C ALA B 86 -0.94 28.47 -10.48
N PRO B 87 -1.85 29.38 -10.78
CA PRO B 87 -3.06 28.99 -11.52
C PRO B 87 -2.83 28.46 -12.93
N GLN B 88 -1.65 28.63 -13.53
CA GLN B 88 -1.38 28.14 -14.89
C GLN B 88 -0.48 26.89 -14.94
N ALA B 89 -0.23 26.28 -13.80
CA ALA B 89 0.43 24.96 -13.77
C ALA B 89 -0.60 23.88 -14.06
N ASN B 90 -0.20 22.79 -14.68
CA ASN B 90 -1.12 21.67 -14.83
C ASN B 90 -1.05 20.70 -13.64
N LEU B 91 -1.94 19.70 -13.67
CA LEU B 91 -2.26 18.91 -12.49
C LEU B 91 -2.24 17.41 -12.82
N VAL B 92 -1.47 16.64 -12.07
CA VAL B 92 -1.75 15.22 -11.96
C VAL B 92 -2.41 14.96 -10.63
N PHE B 93 -3.55 14.27 -10.69
CA PHE B 93 -4.24 13.90 -9.51
C PHE B 93 -4.20 12.39 -9.31
N GLN B 94 -3.76 12.02 -8.12
CA GLN B 94 -3.84 10.64 -7.69
C GLN B 94 -4.87 10.51 -6.58
N SER B 95 -5.98 9.82 -6.87
CA SER B 95 -7.03 9.63 -5.89
C SER B 95 -6.78 8.42 -4.95
N ILE B 96 -6.44 8.68 -3.67
CA ILE B 96 -5.97 7.61 -2.76
C ILE B 96 -7.00 7.08 -1.77
N MET B 97 -8.12 7.79 -1.68
CA MET B 97 -9.21 7.38 -0.77
C MET B 97 -9.93 6.18 -1.32
N ASP B 98 -10.13 5.17 -0.47
CA ASP B 98 -10.95 3.99 -0.79
C ASP B 98 -12.41 4.23 -0.38
N SER B 99 -13.27 3.22 -0.55
CA SER B 99 -14.72 3.34 -0.23
C SER B 99 -15.08 3.65 1.23
N GLY B 100 -14.14 3.46 2.14
CA GLY B 100 -14.46 3.53 3.58
C GLY B 100 -14.18 4.91 4.14
N GLY B 101 -13.59 5.75 3.30
CA GLY B 101 -13.15 7.08 3.70
C GLY B 101 -11.65 7.12 4.02
N GLY B 102 -11.02 5.96 4.26
CA GLY B 102 -9.60 5.90 4.58
C GLY B 102 -8.79 6.08 3.29
N LEU B 103 -7.47 6.08 3.42
CA LEU B 103 -6.61 6.29 2.27
C LEU B 103 -5.99 4.96 1.87
N GLY B 104 -6.84 3.99 1.58
CA GLY B 104 -6.35 2.64 1.38
C GLY B 104 -5.55 2.44 0.09
N GLY B 105 -5.61 3.41 -0.80
CA GLY B 105 -5.08 3.24 -2.14
C GLY B 105 -3.62 3.59 -2.28
N LEU B 106 -3.03 4.13 -1.22
CA LEU B 106 -1.59 4.41 -1.24
C LEU B 106 -0.86 3.11 -1.48
N PRO B 107 0.16 3.09 -2.33
CA PRO B 107 0.94 1.85 -2.49
C PRO B 107 1.80 1.64 -1.26
N ALA B 108 2.15 0.37 -0.99
CA ALA B 108 2.92 0.00 0.19
C ALA B 108 4.27 0.73 0.16
N ASN B 109 4.82 0.75 -1.03
CA ASN B 109 5.98 1.54 -1.37
C ASN B 109 5.62 2.87 -2.06
N LEU B 110 5.83 4.00 -1.37
CA LEU B 110 5.53 5.31 -1.96
C LEU B 110 6.33 5.68 -3.22
N GLN B 111 7.42 4.97 -3.52
CA GLN B 111 8.17 5.27 -4.74
C GLN B 111 7.33 4.90 -5.98
N THR B 112 6.46 3.90 -5.83
CA THR B 112 5.43 3.58 -6.81
C THR B 112 4.53 4.79 -7.07
N LEU B 113 4.04 5.40 -5.98
CA LEU B 113 3.20 6.57 -6.06
C LEU B 113 3.85 7.75 -6.80
N PHE B 114 5.13 8.03 -6.52
CA PHE B 114 5.85 9.18 -7.07
C PHE B 114 6.30 8.97 -8.49
N SER B 115 6.80 7.77 -8.76
CA SER B 115 7.18 7.39 -10.10
C SER B 115 5.97 7.57 -11.07
N GLN B 116 4.75 7.20 -10.63
CA GLN B 116 3.58 7.30 -11.47
C GLN B 116 3.30 8.73 -11.96
N ALA B 117 3.33 9.67 -11.01
CA ALA B 117 3.20 11.07 -11.29
C ALA B 117 4.42 11.62 -12.03
N TYR B 118 5.63 11.07 -11.75
CA TYR B 118 6.85 11.57 -12.43
C TYR B 118 6.82 11.30 -13.95
N SER B 119 6.33 10.12 -14.32
CA SER B 119 6.25 9.69 -15.71
C SER B 119 5.31 10.59 -16.50
N ALA B 120 4.36 11.19 -15.77
CA ALA B 120 3.27 11.96 -16.36
C ALA B 120 3.67 13.42 -16.52
N GLY B 121 4.91 13.70 -16.11
CA GLY B 121 5.56 14.96 -16.29
C GLY B 121 5.71 15.72 -14.97
N ALA B 122 5.01 15.29 -13.94
CA ALA B 122 5.09 15.94 -12.63
C ALA B 122 6.52 16.02 -12.01
N ARG B 123 6.91 17.24 -11.66
CA ARG B 123 8.16 17.53 -10.95
C ARG B 123 7.98 18.14 -9.55
N ILE B 124 6.75 18.40 -9.12
CA ILE B 124 6.45 18.67 -7.72
C ILE B 124 5.38 17.69 -7.20
N HIS B 125 5.46 17.22 -5.97
CA HIS B 125 4.46 16.22 -5.45
C HIS B 125 4.09 16.52 -4.04
N THR B 126 2.79 16.73 -3.82
CA THR B 126 2.32 17.33 -2.60
C THR B 126 1.19 16.47 -2.01
N ASN B 127 1.19 16.38 -0.69
CA ASN B 127 0.57 15.29 0.02
C ASN B 127 0.04 15.77 1.36
N SER B 128 -1.20 16.27 1.38
CA SER B 128 -1.86 16.74 2.58
C SER B 128 -2.46 15.57 3.33
N TRP B 129 -1.57 14.81 3.95
CA TRP B 129 -1.89 13.64 4.77
C TRP B 129 -0.63 13.09 5.43
N GLY B 130 -0.88 12.21 6.38
CA GLY B 130 0.16 11.59 7.16
C GLY B 130 -0.47 10.91 8.36
N ALA B 131 0.38 10.14 9.03
CA ALA B 131 0.00 9.32 10.17
C ALA B 131 0.50 10.03 11.41
N PRO B 132 -0.37 10.20 12.42
CA PRO B 132 0.02 10.83 13.67
C PRO B 132 1.07 10.07 14.51
N VAL B 133 2.28 9.80 14.02
CA VAL B 133 3.23 8.97 14.80
C VAL B 133 4.24 9.83 15.56
N ASN B 134 4.00 11.13 15.71
CA ASN B 134 4.78 11.91 16.67
C ASN B 134 6.30 11.87 16.44
N GLY B 135 6.71 11.98 15.18
CA GLY B 135 8.10 12.24 14.86
C GLY B 135 8.88 11.08 14.35
N ALA B 136 8.20 9.95 14.15
CA ALA B 136 8.93 8.75 13.79
C ALA B 136 9.31 8.84 12.32
N TYR B 137 10.53 8.39 12.04
CA TYR B 137 10.97 8.11 10.68
C TYR B 137 10.51 6.70 10.33
N THR B 138 9.51 6.64 9.47
CA THR B 138 8.91 5.37 9.09
C THR B 138 9.49 4.86 7.78
N THR B 139 8.96 3.72 7.33
CA THR B 139 9.22 3.18 6.00
C THR B 139 8.71 4.13 4.91
N ASP B 140 7.59 4.83 5.14
CA ASP B 140 7.08 5.87 4.25
C ASP B 140 8.10 7.04 4.14
N SER B 141 8.51 7.65 5.25
CA SER B 141 9.57 8.67 5.25
C SER B 141 10.84 8.18 4.52
N ARG B 142 11.31 6.98 4.82
CA ARG B 142 12.45 6.41 4.08
C ARG B 142 12.23 6.36 2.56
N ASN B 143 11.05 5.94 2.12
CA ASN B 143 10.83 5.80 0.67
C ASN B 143 10.80 7.20 0.10
N VAL B 144 10.02 8.07 0.73
CA VAL B 144 10.07 9.49 0.42
C VAL B 144 11.52 9.94 0.29
N ASP B 145 12.38 9.71 1.29
CA ASP B 145 13.75 10.20 1.21
C ASP B 145 14.58 9.51 0.09
N ASP B 146 14.37 8.22 -0.13
CA ASP B 146 15.06 7.52 -1.21
C ASP B 146 14.66 8.04 -2.61
N TYR B 147 13.40 8.42 -2.77
CA TYR B 147 12.93 8.89 -4.07
C TYR B 147 13.48 10.28 -4.43
N VAL B 148 13.54 11.20 -3.48
CA VAL B 148 14.08 12.54 -3.71
C VAL B 148 15.58 12.55 -4.09
N ARG B 149 16.39 11.77 -3.37
CA ARG B 149 17.79 11.62 -3.76
C ARG B 149 18.02 10.98 -5.14
N LYS B 150 17.05 10.23 -5.64
CA LYS B 150 17.24 9.54 -6.91
C LYS B 150 16.59 10.29 -8.08
N ASN B 151 15.63 11.18 -7.80
CA ASN B 151 14.87 11.83 -8.87
C ASN B 151 14.66 13.34 -8.64
N ASP B 152 14.52 14.10 -9.71
CA ASP B 152 14.44 15.55 -9.60
C ASP B 152 12.98 15.96 -9.37
N MET B 153 12.50 15.59 -8.19
CA MET B 153 11.11 15.70 -7.80
C MET B 153 11.09 16.30 -6.39
N THR B 154 10.48 17.46 -6.26
CA THR B 154 10.27 18.10 -4.96
C THR B 154 9.03 17.44 -4.35
N ILE B 155 9.11 16.91 -3.12
CA ILE B 155 7.94 16.33 -2.46
C ILE B 155 7.56 17.13 -1.19
N LEU B 156 6.27 17.49 -1.04
CA LEU B 156 5.80 18.18 0.19
C LEU B 156 4.80 17.35 1.03
N PHE B 157 4.97 17.45 2.34
CA PHE B 157 4.10 16.84 3.30
C PHE B 157 3.58 17.86 4.32
N ALA B 158 2.28 17.77 4.64
CA ALA B 158 1.70 18.49 5.74
C ALA B 158 2.30 17.90 6.99
N ALA B 159 2.62 18.82 7.91
CA ALA B 159 3.08 18.54 9.28
C ALA B 159 2.15 17.71 10.13
N GLY B 160 0.84 17.86 9.90
CA GLY B 160 -0.21 17.17 10.64
C GLY B 160 -0.89 18.17 11.54
N ASN B 161 -1.97 17.75 12.21
CA ASN B 161 -2.87 18.61 12.98
C ASN B 161 -2.99 18.22 14.49
N GLU B 162 -1.84 17.92 15.08
CA GLU B 162 -1.73 17.35 16.43
C GLU B 162 -0.96 18.30 17.40
N GLY B 163 -0.92 19.58 17.05
CA GLY B 163 -0.47 20.59 17.96
C GLY B 163 -1.52 20.95 19.00
N PRO B 164 -1.21 21.89 19.92
CA PRO B 164 0.05 22.68 19.91
C PRO B 164 1.26 22.03 20.60
N GLY B 165 1.16 20.75 20.92
CA GLY B 165 2.22 20.03 21.60
C GLY B 165 3.47 19.78 20.75
N SER B 166 4.63 19.88 21.39
CA SER B 166 5.91 19.60 20.76
C SER B 166 6.02 18.10 20.42
N GLY B 167 6.78 17.78 19.38
CA GLY B 167 7.09 16.40 19.07
C GLY B 167 6.00 15.64 18.32
N THR B 168 5.12 16.37 17.62
CA THR B 168 3.87 15.82 17.05
C THR B 168 3.81 15.86 15.54
N ILE B 169 4.98 15.80 14.91
CA ILE B 169 5.05 15.82 13.47
C ILE B 169 4.56 14.49 12.94
N SER B 170 3.67 14.51 11.94
CA SER B 170 3.26 13.26 11.30
C SER B 170 4.33 12.77 10.33
N ALA B 171 4.33 11.44 10.05
CA ALA B 171 5.04 10.81 8.90
C ALA B 171 4.04 10.61 7.74
N PRO B 172 4.45 10.73 6.47
CA PRO B 172 5.83 10.98 6.03
C PRO B 172 6.44 12.39 6.18
N GLY B 173 5.82 13.34 6.89
CA GLY B 173 6.42 14.67 7.08
C GLY B 173 7.72 14.68 7.91
N THR B 174 8.00 13.56 8.55
CA THR B 174 9.33 13.41 9.18
C THR B 174 10.49 13.07 8.17
N ALA B 175 10.17 12.81 6.90
CA ALA B 175 11.17 12.78 5.80
C ALA B 175 12.16 13.93 5.82
N LYS B 176 13.41 13.58 5.64
CA LYS B 176 14.53 14.50 5.65
C LYS B 176 14.51 15.46 4.45
N ASN B 177 14.27 14.86 3.27
CA ASN B 177 14.37 15.49 1.93
C ASN B 177 13.06 16.11 1.39
N ALA B 178 11.96 15.77 2.05
CA ALA B 178 10.67 16.38 1.81
C ALA B 178 10.64 17.76 2.40
N ILE B 179 9.83 18.61 1.76
CA ILE B 179 9.47 19.91 2.32
C ILE B 179 8.19 19.78 3.13
N THR B 180 8.36 19.85 4.44
CA THR B 180 7.27 19.67 5.35
C THR B 180 6.68 20.99 5.81
N VAL B 181 5.35 21.08 5.86
CA VAL B 181 4.68 22.40 5.97
C VAL B 181 3.70 22.51 7.15
N GLY B 182 3.89 23.55 7.96
CA GLY B 182 2.97 23.91 9.03
C GLY B 182 2.04 25.05 8.67
N ALA B 183 1.16 25.45 9.61
CA ALA B 183 0.09 26.43 9.34
C ALA B 183 0.21 27.68 10.20
N THR B 184 0.38 28.85 9.59
CA THR B 184 0.04 30.12 10.26
C THR B 184 -1.36 30.51 9.90
N GLU B 185 -1.87 31.53 10.57
CA GLU B 185 -3.20 32.08 10.27
C GLU B 185 -3.29 32.92 9.00
N ASN B 186 -4.32 32.64 8.21
CA ASN B 186 -4.78 33.53 7.15
C ASN B 186 -5.38 34.79 7.80
N LEU B 187 -5.38 35.89 7.08
CA LEU B 187 -5.92 37.15 7.62
C LEU B 187 -7.35 37.38 7.15
N ARG B 188 -8.27 36.75 7.85
CA ARG B 188 -9.69 36.92 7.60
C ARG B 188 -10.34 37.16 8.94
N PRO B 189 -10.01 38.28 9.58
CA PRO B 189 -10.43 38.51 10.97
C PRO B 189 -11.91 38.41 11.30
N SER B 190 -12.80 38.54 10.33
CA SER B 190 -14.22 38.32 10.65
C SER B 190 -14.61 36.95 11.27
N PHE B 191 -13.69 35.97 11.36
CA PHE B 191 -14.02 34.55 11.62
C PHE B 191 -13.47 33.77 12.87
N GLY B 192 -12.79 34.36 13.85
CA GLY B 192 -11.98 35.55 13.75
C GLY B 192 -10.64 35.35 14.47
N SER B 193 -10.62 34.67 15.62
CA SER B 193 -9.36 34.43 16.36
C SER B 193 -8.44 33.35 15.76
N TYR B 194 -9.00 32.45 14.97
CA TYR B 194 -8.20 31.50 14.21
C TYR B 194 -7.61 32.17 12.98
N ALA B 195 -8.02 33.42 12.73
CA ALA B 195 -7.68 34.14 11.49
C ALA B 195 -7.44 35.66 11.64
N ASP B 196 -6.72 36.10 12.69
CA ASP B 196 -6.52 37.54 12.99
C ASP B 196 -5.07 38.06 12.97
N ASN B 197 -4.09 37.17 12.74
CA ASN B 197 -2.68 37.55 12.73
C ASN B 197 -1.80 36.59 11.90
N ILE B 198 -1.10 37.11 10.91
CA ILE B 198 -0.30 36.26 10.01
C ILE B 198 0.97 35.71 10.67
N ASN B 199 1.24 36.16 11.90
CA ASN B 199 2.39 35.77 12.69
C ASN B 199 2.04 34.66 13.69
N HIS B 200 0.75 34.43 13.90
CA HIS B 200 0.27 33.37 14.81
C HIS B 200 0.35 31.97 14.16
N VAL B 201 1.18 31.08 14.71
CA VAL B 201 1.09 29.64 14.48
C VAL B 201 -0.26 29.12 15.04
N ALA B 202 -0.98 28.42 14.17
CA ALA B 202 -2.32 27.92 14.43
C ALA B 202 -2.23 26.76 15.42
N GLN B 203 -3.16 26.73 16.39
CA GLN B 203 -3.07 25.84 17.57
C GLN B 203 -2.82 24.37 17.23
N PHE B 204 -3.52 23.92 16.19
CA PHE B 204 -3.52 22.53 15.74
C PHE B 204 -2.24 22.13 14.98
N SER B 205 -1.51 23.12 14.48
CA SER B 205 -0.34 22.85 13.65
C SER B 205 0.73 22.00 14.43
N SER B 206 1.08 20.86 13.84
CA SER B 206 2.00 19.94 14.47
C SER B 206 3.37 20.62 14.58
N ARG B 207 4.04 20.28 15.66
CA ARG B 207 5.22 20.99 16.13
C ARG B 207 6.40 20.01 16.21
N GLY B 208 7.59 20.45 15.86
CA GLY B 208 8.80 19.68 16.02
C GLY B 208 9.14 19.58 17.51
N PRO B 209 10.25 18.94 17.83
CA PRO B 209 11.12 18.35 16.83
C PRO B 209 10.68 16.95 16.36
N THR B 210 11.37 16.40 15.36
CA THR B 210 11.22 14.98 15.05
C THR B 210 11.77 14.16 16.25
N ARG B 211 11.61 12.84 16.19
CA ARG B 211 12.03 11.93 17.26
C ARG B 211 13.53 11.89 17.44
N ASP B 212 14.29 12.23 16.38
CA ASP B 212 15.75 12.36 16.53
C ASP B 212 16.17 13.83 16.59
N GLY B 213 15.27 14.68 17.06
CA GLY B 213 15.56 16.09 17.31
C GLY B 213 15.59 17.10 16.18
N ARG B 214 15.25 16.70 14.96
CA ARG B 214 15.28 17.65 13.85
C ARG B 214 14.19 18.68 13.92
N ILE B 215 14.44 19.80 13.23
CA ILE B 215 13.48 20.87 13.09
C ILE B 215 12.46 20.38 12.08
N LYS B 216 11.22 20.22 12.51
CA LYS B 216 10.08 20.14 11.60
C LYS B 216 8.98 21.05 12.20
N PRO B 217 8.10 21.62 11.38
CA PRO B 217 8.18 21.60 9.92
C PRO B 217 9.35 22.41 9.39
N ASP B 218 9.52 22.46 8.08
CA ASP B 218 10.59 23.28 7.49
C ASP B 218 10.12 24.71 7.29
N VAL B 219 8.87 24.84 6.83
CA VAL B 219 8.26 26.16 6.63
C VAL B 219 6.75 26.24 7.01
N MET B 220 6.22 27.47 7.00
CA MET B 220 4.82 27.75 7.33
C MET B 220 4.13 28.51 6.21
N ALA B 221 2.82 28.38 6.13
CA ALA B 221 2.03 29.18 5.17
C ALA B 221 0.61 29.23 5.69
N PRO B 222 -0.18 30.26 5.38
CA PRO B 222 -1.52 30.37 6.00
C PRO B 222 -2.35 29.11 5.83
N GLY B 223 -2.95 28.58 6.91
CA GLY B 223 -3.79 27.40 6.84
C GLY B 223 -5.01 27.38 7.75
N THR B 224 -5.59 28.55 7.97
CA THR B 224 -6.93 28.67 8.55
C THR B 224 -7.83 29.48 7.61
N TYR B 225 -9.09 29.08 7.51
CA TYR B 225 -10.08 29.75 6.66
C TYR B 225 -9.48 30.08 5.29
N ILE B 226 -9.05 29.01 4.63
CA ILE B 226 -8.64 29.04 3.22
C ILE B 226 -9.85 28.76 2.33
N LEU B 227 -10.36 29.79 1.65
CA LEU B 227 -11.45 29.66 0.69
C LEU B 227 -10.85 29.09 -0.59
N SER B 228 -11.21 27.86 -0.95
CA SER B 228 -10.74 27.20 -2.16
C SER B 228 -11.88 26.36 -2.76
N ALA B 229 -11.58 25.54 -3.77
CA ALA B 229 -12.66 24.88 -4.53
C ALA B 229 -13.44 23.84 -3.68
N ARG B 230 -14.73 23.79 -3.92
CA ARG B 230 -15.64 22.87 -3.23
C ARG B 230 -16.14 21.79 -4.18
N SER B 231 -15.80 20.52 -3.89
CA SER B 231 -16.37 19.38 -4.61
C SER B 231 -17.87 19.49 -4.58
N SER B 232 -18.51 19.40 -5.74
CA SER B 232 -19.95 19.50 -5.84
C SER B 232 -20.64 18.32 -5.14
N LEU B 233 -19.87 17.27 -4.80
CA LEU B 233 -20.37 16.10 -4.03
C LEU B 233 -20.21 16.21 -2.52
N ALA B 234 -19.47 17.19 -2.04
CA ALA B 234 -19.01 17.25 -0.64
C ALA B 234 -20.01 18.00 0.24
N PRO B 235 -20.34 17.46 1.43
CA PRO B 235 -21.31 18.09 2.34
C PRO B 235 -20.75 19.18 3.24
N ASP B 236 -21.65 19.99 3.80
CA ASP B 236 -21.24 21.12 4.65
C ASP B 236 -20.37 20.71 5.85
N SER B 237 -20.47 19.46 6.31
CA SER B 237 -19.69 19.05 7.48
C SER B 237 -18.19 18.85 7.22
N SER B 238 -17.78 18.86 5.95
CA SER B 238 -16.35 18.70 5.61
C SER B 238 -15.56 20.03 5.62
N PHE B 239 -16.28 21.15 5.79
CA PHE B 239 -15.72 22.50 5.71
C PHE B 239 -15.84 23.25 7.01
N TRP B 240 -14.84 24.07 7.29
CA TRP B 240 -14.92 25.10 8.31
C TRP B 240 -16.13 26.04 8.08
N ALA B 241 -16.31 26.53 6.84
CA ALA B 241 -17.36 27.51 6.55
C ALA B 241 -17.85 27.48 5.08
N ASN B 242 -19.15 27.73 4.91
CA ASN B 242 -19.77 27.79 3.59
C ASN B 242 -19.33 29.11 2.94
N HIS B 243 -19.38 29.17 1.62
CA HIS B 243 -19.22 30.44 0.93
C HIS B 243 -20.25 30.45 -0.18
N ASP B 244 -20.05 29.61 -1.19
CA ASP B 244 -21.05 29.28 -2.24
C ASP B 244 -20.97 27.80 -2.71
N SER B 245 -21.66 27.46 -3.81
CA SER B 245 -21.74 26.09 -4.33
C SER B 245 -20.38 25.61 -4.91
N LYS B 246 -19.50 26.55 -5.22
CA LYS B 246 -18.27 26.25 -5.98
C LYS B 246 -16.96 26.40 -5.12
N TYR B 247 -17.08 27.06 -3.98
CA TYR B 247 -15.97 27.25 -3.02
C TYR B 247 -16.48 27.19 -1.60
N ALA B 248 -15.55 27.03 -0.66
CA ALA B 248 -15.82 27.02 0.79
C ALA B 248 -14.46 27.02 1.55
N TYR B 249 -14.55 27.30 2.86
CA TYR B 249 -13.40 27.42 3.76
C TYR B 249 -13.09 26.08 4.44
N MET B 250 -11.80 25.80 4.55
CA MET B 250 -11.28 24.64 5.27
C MET B 250 -10.02 25.09 6.02
N GLY B 251 -9.58 24.30 6.98
CA GLY B 251 -8.39 24.69 7.74
C GLY B 251 -7.59 23.47 8.14
N GLY B 252 -6.29 23.62 8.06
CA GLY B 252 -5.38 22.55 8.39
C GLY B 252 -4.01 22.85 7.81
N THR B 253 -3.01 22.13 8.30
CA THR B 253 -1.75 21.94 7.60
C THR B 253 -2.03 21.43 6.19
N SER B 254 -3.15 20.69 6.05
CA SER B 254 -3.62 20.28 4.74
C SER B 254 -3.84 21.40 3.73
N MET B 255 -4.20 22.60 4.21
CA MET B 255 -4.36 23.79 3.38
C MET B 255 -3.05 24.58 3.23
N ALA B 256 -2.21 24.59 4.27
CA ALA B 256 -0.95 25.35 4.23
C ALA B 256 -0.03 24.80 3.17
N THR B 257 -0.02 23.47 3.11
CA THR B 257 0.86 22.67 2.28
C THR B 257 0.70 22.89 0.74
N PRO B 258 -0.53 22.85 0.21
CA PRO B 258 -0.79 23.21 -1.19
C PRO B 258 -0.52 24.66 -1.57
N ILE B 259 -0.60 25.60 -0.63
CA ILE B 259 -0.19 26.97 -0.89
C ILE B 259 1.30 27.02 -1.20
N VAL B 260 2.09 26.25 -0.44
CA VAL B 260 3.50 26.10 -0.69
C VAL B 260 3.72 25.36 -2.00
N ALA B 261 2.89 24.36 -2.32
CA ALA B 261 3.09 23.56 -3.53
C ALA B 261 3.07 24.44 -4.76
N GLY B 262 2.04 25.29 -4.82
CA GLY B 262 1.90 26.33 -5.84
C GLY B 262 3.09 27.27 -5.86
N ASN B 263 3.53 27.73 -4.70
CA ASN B 263 4.69 28.62 -4.61
C ASN B 263 5.93 28.00 -5.20
N VAL B 264 6.11 26.71 -4.94
CA VAL B 264 7.21 25.93 -5.53
C VAL B 264 7.12 25.86 -7.01
N ALA B 265 5.90 25.86 -7.55
CA ALA B 265 5.68 25.76 -8.97
C ALA B 265 6.08 27.06 -9.63
N GLN B 266 5.78 28.17 -8.98
CA GLN B 266 6.12 29.48 -9.53
C GLN B 266 7.64 29.65 -9.30
N LEU B 267 8.16 29.14 -8.18
CA LEU B 267 9.60 29.34 -7.89
C LEU B 267 10.48 28.57 -8.88
N ARG B 268 10.00 27.37 -9.29
CA ARG B 268 10.73 26.45 -10.16
C ARG B 268 10.64 26.99 -11.61
N GLU B 269 9.46 27.48 -11.96
CA GLU B 269 9.20 28.17 -13.24
C GLU B 269 10.21 29.31 -13.48
N HIS B 270 10.64 29.99 -12.43
CA HIS B 270 11.47 31.20 -12.54
C HIS B 270 12.93 30.87 -12.67
N PHE B 271 13.37 29.80 -11.99
CA PHE B 271 14.70 29.24 -12.19
C PHE B 271 14.76 28.71 -13.63
N VAL B 272 13.80 27.86 -13.98
CA VAL B 272 13.68 27.32 -15.36
C VAL B 272 13.71 28.36 -16.52
N LYS B 273 12.99 29.47 -16.37
CA LYS B 273 12.73 30.38 -17.51
C LYS B 273 13.56 31.69 -17.50
N ASN B 274 14.03 32.09 -16.33
CA ASN B 274 14.69 33.39 -16.12
C ASN B 274 16.09 33.31 -15.54
N ARG B 275 16.42 32.21 -14.84
CA ARG B 275 17.77 32.00 -14.34
C ARG B 275 18.53 30.85 -15.01
N GLY B 276 17.92 30.20 -16.01
CA GLY B 276 18.67 29.28 -16.87
C GLY B 276 19.09 27.96 -16.23
N VAL B 277 18.38 27.56 -15.18
CA VAL B 277 18.70 26.29 -14.51
C VAL B 277 17.46 25.58 -14.01
N THR B 278 17.52 24.23 -14.08
CA THR B 278 16.51 23.36 -13.50
C THR B 278 16.87 23.18 -12.04
N PRO B 279 16.09 23.74 -11.10
CA PRO B 279 16.54 23.79 -9.71
C PRO B 279 16.27 22.47 -9.03
N LYS B 280 17.32 21.88 -8.45
CA LYS B 280 17.16 20.67 -7.69
C LYS B 280 16.13 20.87 -6.55
N PRO B 281 15.41 19.79 -6.16
CA PRO B 281 14.63 19.76 -4.93
C PRO B 281 15.37 20.40 -3.76
N SER B 282 16.64 20.07 -3.56
CA SER B 282 17.41 20.69 -2.48
C SER B 282 17.48 22.23 -2.56
N LEU B 283 17.48 22.79 -3.78
CA LEU B 283 17.50 24.25 -3.94
C LEU B 283 16.14 24.96 -3.77
N LEU B 284 15.07 24.25 -4.10
CA LEU B 284 13.75 24.85 -4.11
C LEU B 284 13.43 25.00 -2.63
N LYS B 285 13.81 23.99 -1.83
CA LYS B 285 13.83 24.00 -0.34
C LYS B 285 14.72 25.14 0.30
N ALA B 286 16.00 25.21 -0.08
CA ALA B 286 16.91 26.24 0.40
C ALA B 286 16.38 27.68 0.24
N ALA B 287 15.76 27.94 -0.89
CA ALA B 287 15.36 29.29 -1.26
C ALA B 287 14.09 29.67 -0.49
N LEU B 288 13.22 28.69 -0.32
CA LEU B 288 12.03 28.85 0.52
C LEU B 288 12.49 29.17 1.93
N ILE B 289 13.46 28.41 2.44
CA ILE B 289 13.95 28.61 3.81
C ILE B 289 14.63 29.98 4.04
N ALA B 290 15.64 30.29 3.24
CA ALA B 290 16.33 31.59 3.29
C ALA B 290 15.42 32.78 3.06
N GLY B 291 14.41 32.62 2.21
CA GLY B 291 13.48 33.70 1.91
C GLY B 291 12.33 33.76 2.91
N ALA B 292 12.21 32.77 3.78
CA ALA B 292 11.08 32.73 4.76
C ALA B 292 11.26 33.75 5.86
N ALA B 293 10.16 34.14 6.51
CA ALA B 293 10.15 35.11 7.57
C ALA B 293 9.92 34.43 8.94
N ASP B 294 10.83 34.68 9.84
CA ASP B 294 10.63 34.47 11.28
C ASP B 294 9.36 35.21 11.72
N VAL B 295 8.49 34.49 12.44
CA VAL B 295 7.19 35.08 12.78
C VAL B 295 7.24 35.80 14.13
N GLY B 296 8.43 35.84 14.74
CA GLY B 296 8.67 36.49 16.01
C GLY B 296 9.10 35.53 17.12
N LEU B 297 9.17 34.24 16.80
CA LEU B 297 9.50 33.21 17.75
C LEU B 297 11.02 32.98 17.80
N GLY B 298 11.73 33.45 16.78
CA GLY B 298 13.11 33.14 16.62
C GLY B 298 13.39 31.71 16.23
N PHE B 299 14.69 31.44 16.13
CA PHE B 299 15.21 30.16 15.65
C PHE B 299 16.29 29.68 16.62
N PRO B 300 16.44 28.38 16.81
CA PRO B 300 15.61 27.33 16.21
C PRO B 300 14.25 27.29 16.89
N ASN B 301 13.30 26.61 16.26
CA ASN B 301 11.95 26.56 16.78
C ASN B 301 11.13 25.48 16.07
N GLY B 302 10.46 24.62 16.86
CA GLY B 302 9.67 23.51 16.34
C GLY B 302 8.30 23.99 15.91
N ASN B 303 7.86 25.08 16.54
CA ASN B 303 6.55 25.65 16.30
C ASN B 303 6.48 26.22 14.87
N GLN B 304 7.45 27.07 14.51
CA GLN B 304 7.47 27.73 13.17
C GLN B 304 8.36 27.14 12.08
N GLY B 305 9.06 26.04 12.34
CA GLY B 305 10.19 25.66 11.51
C GLY B 305 11.14 26.82 11.25
N TRP B 306 11.46 27.01 9.97
CA TRP B 306 12.29 28.14 9.52
C TRP B 306 11.54 29.45 9.13
N GLY B 307 10.22 29.51 9.35
CA GLY B 307 9.47 30.75 9.20
C GLY B 307 8.36 30.70 8.18
N ARG B 308 7.62 31.78 7.98
CA ARG B 308 6.50 31.81 7.02
C ARG B 308 7.03 32.11 5.61
N VAL B 309 6.61 31.33 4.60
CA VAL B 309 7.20 31.52 3.25
C VAL B 309 6.93 32.91 2.72
N THR B 310 7.96 33.48 2.10
CA THR B 310 7.85 34.78 1.45
C THR B 310 8.49 34.68 0.07
N LEU B 311 7.66 34.28 -0.91
CA LEU B 311 8.16 33.83 -2.19
C LEU B 311 9.12 34.82 -2.89
N ASP B 312 8.87 36.12 -2.75
CA ASP B 312 9.63 37.13 -3.49
C ASP B 312 11.10 37.25 -3.06
N LYS B 313 11.36 37.06 -1.78
CA LYS B 313 12.74 36.95 -1.34
C LYS B 313 13.37 35.71 -1.94
N SER B 314 12.61 34.61 -1.97
CA SER B 314 13.13 33.34 -2.47
C SER B 314 13.53 33.40 -3.95
N LEU B 315 12.95 34.32 -4.73
CA LEU B 315 13.02 34.26 -6.18
C LEU B 315 14.40 34.61 -6.69
N ASN B 316 15.11 35.56 -6.07
CA ASN B 316 16.43 35.88 -6.61
C ASN B 316 17.61 35.75 -5.63
N VAL B 317 17.51 34.74 -4.77
CA VAL B 317 18.64 34.24 -4.00
C VAL B 317 19.85 33.88 -4.85
N ALA B 318 21.06 34.10 -4.30
CA ALA B 318 22.27 33.57 -4.94
C ALA B 318 22.39 32.09 -4.59
N PHE B 319 22.85 31.28 -5.53
CA PHE B 319 22.76 29.84 -5.36
C PHE B 319 23.87 28.94 -5.88
N VAL B 320 23.99 27.82 -5.20
CA VAL B 320 24.63 26.62 -5.69
C VAL B 320 23.55 25.53 -5.82
N ASN B 321 23.50 24.89 -6.99
CA ASN B 321 22.47 23.94 -7.34
C ASN B 321 23.05 22.54 -7.55
N GLU B 322 23.73 22.02 -6.50
CA GLU B 322 24.27 20.65 -6.46
C GLU B 322 25.39 20.41 -7.49
N THR B 323 26.15 21.46 -7.75
CA THR B 323 27.29 21.39 -8.67
C THR B 323 28.59 21.35 -7.87
N SER B 324 28.56 20.86 -6.64
CA SER B 324 29.82 20.69 -5.89
C SER B 324 29.65 19.49 -4.97
N PRO B 325 29.94 18.28 -5.51
CA PRO B 325 29.78 17.04 -4.76
C PRO B 325 30.91 16.79 -3.74
N LEU B 326 30.57 16.35 -2.55
CA LEU B 326 31.56 16.24 -1.48
C LEU B 326 31.72 14.86 -0.88
N SER B 327 32.98 14.41 -0.78
CA SER B 327 33.36 13.19 -0.08
C SER B 327 34.02 13.58 1.28
N THR B 328 34.09 12.67 2.24
CA THR B 328 34.54 13.04 3.61
C THR B 328 35.89 13.76 3.62
N SER B 329 35.93 14.79 4.47
CA SER B 329 37.05 15.72 4.69
C SER B 329 37.25 16.79 3.61
N GLN B 330 36.50 16.73 2.51
CA GLN B 330 36.55 17.79 1.52
C GLN B 330 35.66 18.98 1.90
N LYS B 331 35.82 20.06 1.14
CA LYS B 331 35.00 21.28 1.30
C LYS B 331 34.80 22.02 -0.04
N ALA B 332 33.75 22.84 -0.08
CA ALA B 332 33.54 23.85 -1.10
C ALA B 332 33.64 25.23 -0.45
N THR B 333 34.27 26.16 -1.15
CA THR B 333 34.53 27.46 -0.60
C THR B 333 34.01 28.51 -1.56
N TYR B 334 33.18 29.40 -1.02
CA TYR B 334 32.59 30.49 -1.78
C TYR B 334 32.70 31.73 -0.96
N SER B 335 32.62 32.87 -1.64
CA SER B 335 32.52 34.14 -0.96
C SER B 335 31.32 34.90 -1.49
N PHE B 336 31.09 36.04 -0.86
CA PHE B 336 29.87 36.83 -0.98
C PHE B 336 30.07 38.12 -0.18
N THR B 337 30.05 39.27 -0.84
CA THR B 337 30.17 40.53 -0.14
C THR B 337 28.77 41.05 0.24
N ALA B 338 28.60 41.32 1.53
CA ALA B 338 27.40 41.94 2.12
C ALA B 338 27.58 43.45 2.35
N GLN B 339 26.48 44.17 2.40
CA GLN B 339 26.50 45.55 2.79
C GLN B 339 25.72 45.67 4.10
N ALA B 340 26.26 46.44 5.04
CA ALA B 340 25.55 46.83 6.27
C ALA B 340 24.12 47.34 5.99
N GLY B 341 23.20 47.05 6.91
CA GLY B 341 21.83 47.53 6.81
C GLY B 341 20.71 46.56 6.42
N LYS B 342 21.05 45.37 5.91
CA LYS B 342 20.03 44.38 5.51
C LYS B 342 20.50 42.99 5.88
N PRO B 343 19.59 42.10 6.32
CA PRO B 343 20.02 40.77 6.76
C PRO B 343 20.76 39.95 5.69
N LEU B 344 21.45 38.94 6.18
CA LEU B 344 22.18 38.01 5.37
C LEU B 344 21.69 36.66 5.84
N LYS B 345 20.97 35.95 4.99
CA LYS B 345 20.47 34.63 5.31
C LYS B 345 21.03 33.54 4.40
N ILE B 346 21.69 32.57 5.00
CA ILE B 346 22.37 31.51 4.23
C ILE B 346 21.77 30.15 4.69
N SER B 347 21.07 29.50 3.77
CA SER B 347 20.56 28.14 4.01
C SER B 347 21.29 27.17 3.09
N LEU B 348 21.60 26.01 3.64
CA LEU B 348 22.34 24.90 3.03
C LEU B 348 21.47 23.71 3.26
N VAL B 349 21.03 23.14 2.15
CA VAL B 349 20.14 22.00 2.13
C VAL B 349 20.72 20.94 1.20
N TRP B 350 20.88 19.73 1.74
CA TRP B 350 21.08 18.47 0.97
C TRP B 350 19.99 17.37 1.07
N SER B 351 19.67 16.77 -0.07
CA SER B 351 18.79 15.63 -0.17
C SER B 351 19.61 14.43 0.30
N ASP B 352 19.48 14.11 1.59
CA ASP B 352 20.36 13.15 2.27
C ASP B 352 19.98 11.73 1.87
N ALA B 353 20.94 10.80 1.93
CA ALA B 353 20.66 9.39 1.71
C ALA B 353 19.74 8.86 2.79
N PRO B 354 18.84 7.93 2.43
CA PRO B 354 17.78 7.53 3.36
C PRO B 354 18.35 7.08 4.69
N GLY B 355 17.73 7.49 5.80
CA GLY B 355 18.11 7.03 7.12
C GLY B 355 17.49 5.69 7.43
N SER B 356 17.66 5.22 8.67
CA SER B 356 17.12 3.95 9.14
C SER B 356 15.96 4.22 10.07
N THR B 357 14.94 3.38 9.98
CA THR B 357 13.74 3.53 10.80
C THR B 357 13.88 3.18 12.30
N THR B 358 15.02 2.66 12.69
CA THR B 358 15.17 2.15 14.08
C THR B 358 16.36 2.72 14.84
N ALA B 359 17.33 3.23 14.09
CA ALA B 359 18.51 3.88 14.66
C ALA B 359 18.19 5.23 15.34
N SER B 360 19.15 5.73 16.11
CA SER B 360 18.98 6.92 16.96
C SER B 360 18.76 8.25 16.21
N LEU B 361 19.59 8.49 15.20
CA LEU B 361 19.49 9.69 14.37
C LEU B 361 19.17 9.22 12.96
N THR B 362 18.46 10.01 12.19
CA THR B 362 18.19 9.62 10.77
C THR B 362 19.28 10.09 9.80
N LEU B 363 20.05 11.09 10.22
CA LEU B 363 21.08 11.71 9.40
C LEU B 363 22.14 10.66 9.03
N VAL B 364 22.56 10.67 7.77
CA VAL B 364 23.56 9.73 7.22
C VAL B 364 24.80 10.51 6.81
N ASN B 365 24.57 11.48 5.94
CA ASN B 365 25.58 12.39 5.48
C ASN B 365 25.47 13.74 6.18
N ASP B 366 26.56 14.05 6.83
CA ASP B 366 26.66 15.17 7.69
C ASP B 366 27.52 16.19 7.00
N LEU B 367 26.91 17.33 6.68
CA LEU B 367 27.58 18.44 6.10
C LEU B 367 27.43 19.57 7.07
N ASP B 368 28.48 20.37 7.19
CA ASP B 368 28.46 21.49 8.10
C ASP B 368 28.69 22.77 7.31
N LEU B 369 27.84 23.77 7.55
CA LEU B 369 28.03 25.08 7.01
C LEU B 369 28.88 25.92 7.97
N VAL B 370 29.84 26.64 7.43
CA VAL B 370 30.72 27.50 8.23
C VAL B 370 30.91 28.84 7.52
N ILE B 371 30.64 29.94 8.23
CA ILE B 371 30.72 31.28 7.69
C ILE B 371 31.76 32.10 8.46
N THR B 372 32.59 32.84 7.74
CA THR B 372 33.56 33.74 8.37
C THR B 372 33.22 35.13 7.89
N ALA B 373 33.23 36.06 8.84
CA ALA B 373 32.92 37.44 8.62
C ALA B 373 34.25 38.10 8.33
N PRO B 374 34.24 39.32 7.77
CA PRO B 374 35.48 40.07 7.52
C PRO B 374 36.36 40.23 8.76
N ASN B 375 35.76 40.43 9.94
CA ASN B 375 36.53 40.56 11.16
C ASN B 375 36.97 39.21 11.74
N GLY B 376 36.59 38.09 11.09
CA GLY B 376 36.94 36.75 11.53
C GLY B 376 35.96 36.10 12.51
N THR B 377 34.89 36.82 12.80
CA THR B 377 33.76 36.25 13.56
C THR B 377 33.24 35.09 12.75
N LYS B 378 32.98 33.99 13.43
CA LYS B 378 32.54 32.78 12.78
C LYS B 378 31.13 32.37 13.22
N TYR B 379 30.44 31.68 12.33
CA TYR B 379 29.10 31.13 12.59
C TYR B 379 29.12 29.69 12.07
N VAL B 380 28.50 28.75 12.80
CA VAL B 380 28.25 27.35 12.38
C VAL B 380 26.74 27.27 12.09
N GLY B 381 26.33 26.45 11.14
CA GLY B 381 24.93 26.43 10.74
C GLY B 381 24.09 25.97 11.91
N ASN B 382 22.98 26.68 12.17
CA ASN B 382 22.00 26.39 13.23
C ASN B 382 22.40 26.74 14.68
N ASP B 383 23.50 27.46 14.85
CA ASP B 383 23.92 28.01 16.14
C ASP B 383 23.43 29.44 16.33
N PHE B 384 22.24 29.59 16.95
CA PHE B 384 21.63 30.90 17.20
C PHE B 384 21.92 31.42 18.61
N THR B 385 22.87 30.79 19.32
CA THR B 385 23.29 31.26 20.65
C THR B 385 24.74 31.73 20.60
N ALA B 386 24.98 32.95 21.07
CA ALA B 386 26.30 33.54 21.03
C ALA B 386 27.18 32.73 21.98
N PRO B 387 28.43 32.46 21.63
CA PRO B 387 29.00 32.73 20.32
C PRO B 387 28.61 31.67 19.33
N TYR B 388 28.63 32.03 18.06
CA TYR B 388 27.89 31.27 17.07
C TYR B 388 28.70 30.19 16.38
N ASP B 389 29.78 29.74 17.02
CA ASP B 389 30.78 28.88 16.37
C ASP B 389 31.22 27.64 17.20
N ASN B 390 30.46 27.28 18.24
CA ASN B 390 30.82 26.19 19.16
C ASN B 390 29.76 25.09 19.29
N ASN B 391 28.65 25.24 18.58
CA ASN B 391 27.52 24.31 18.63
C ASN B 391 27.30 23.79 17.21
N TRP B 392 27.96 22.69 16.89
CA TRP B 392 27.87 22.13 15.53
C TRP B 392 26.68 21.22 15.42
N ASP B 393 26.03 21.29 14.26
CA ASP B 393 24.86 20.48 13.94
C ASP B 393 25.29 19.08 13.47
N GLY B 394 24.71 18.08 14.11
CA GLY B 394 24.92 16.71 13.70
C GLY B 394 23.62 15.92 13.48
N ARG B 395 22.46 16.58 13.44
CA ARG B 395 21.17 15.89 13.14
C ARG B 395 20.43 16.34 11.85
N ASN B 396 20.56 17.60 11.47
CA ASN B 396 19.73 18.22 10.45
C ASN B 396 20.41 18.25 9.08
N ASN B 397 19.62 18.10 8.01
CA ASN B 397 20.07 18.20 6.62
C ASN B 397 19.67 19.59 6.02
N VAL B 398 19.33 20.53 6.89
CA VAL B 398 19.21 21.95 6.64
C VAL B 398 20.09 22.65 7.71
N GLU B 399 21.02 23.48 7.27
CA GLU B 399 21.83 24.28 8.15
C GLU B 399 21.81 25.74 7.74
N ASN B 400 21.50 26.60 8.70
CA ASN B 400 21.23 28.01 8.43
C ASN B 400 22.13 28.91 9.24
N VAL B 401 22.59 29.99 8.62
CA VAL B 401 23.26 31.08 9.32
C VAL B 401 22.55 32.37 8.95
N PHE B 402 21.82 32.98 9.88
CA PHE B 402 21.07 34.22 9.58
C PHE B 402 21.62 35.39 10.41
N ILE B 403 22.29 36.34 9.74
CA ILE B 403 22.91 37.48 10.42
C ILE B 403 22.07 38.70 10.11
N ASN B 404 21.30 39.13 11.11
CA ASN B 404 20.37 40.23 10.99
C ASN B 404 21.09 41.48 10.54
N ALA B 405 22.23 41.76 11.17
CA ALA B 405 22.97 42.99 10.87
C ALA B 405 24.45 42.74 10.49
N PRO B 406 24.72 42.35 9.25
CA PRO B 406 26.07 41.98 8.84
C PRO B 406 27.06 43.14 8.74
N GLN B 407 28.33 42.75 8.69
CA GLN B 407 29.37 43.73 8.43
C GLN B 407 29.43 43.97 6.95
N SER B 408 30.10 45.06 6.62
CA SER B 408 30.27 45.44 5.25
C SER B 408 31.55 44.86 4.69
N GLY B 409 31.47 44.08 3.61
CA GLY B 409 32.62 43.32 3.13
C GLY B 409 32.41 41.82 2.96
N THR B 410 33.45 41.17 2.47
CA THR B 410 33.38 39.79 2.02
C THR B 410 33.13 38.83 3.16
N TYR B 411 32.04 38.08 3.09
CA TYR B 411 31.86 36.88 3.91
C TYR B 411 32.39 35.70 3.13
N THR B 412 33.06 34.76 3.83
CA THR B 412 33.52 33.48 3.27
C THR B 412 32.52 32.41 3.64
N VAL B 413 32.02 31.67 2.66
CA VAL B 413 30.93 30.74 2.85
C VAL B 413 31.39 29.33 2.58
N GLU B 414 31.42 28.47 3.63
CA GLU B 414 32.05 27.17 3.51
C GLU B 414 31.19 25.96 3.88
N VAL B 415 31.17 24.96 3.00
CA VAL B 415 30.41 23.75 3.26
C VAL B 415 31.44 22.63 3.45
N GLN B 416 31.39 21.98 4.61
CA GLN B 416 32.44 21.05 5.01
C GLN B 416 31.85 19.68 5.17
N ALA B 417 32.55 18.69 4.60
CA ALA B 417 32.15 17.30 4.62
C ALA B 417 32.75 16.66 5.85
N TYR B 418 32.00 16.75 6.94
CA TYR B 418 32.44 16.23 8.23
C TYR B 418 32.47 14.71 8.21
N ASN B 419 31.45 14.12 7.57
CA ASN B 419 31.26 12.67 7.59
C ASN B 419 30.21 12.26 6.55
N VAL B 420 30.68 11.73 5.42
CA VAL B 420 29.85 11.39 4.29
C VAL B 420 29.99 9.92 3.90
N PRO B 421 29.44 9.07 4.75
CA PRO B 421 29.48 7.62 4.52
C PRO B 421 28.84 7.08 3.22
N VAL B 422 27.90 7.79 2.59
CA VAL B 422 27.25 7.36 1.34
C VAL B 422 27.35 8.47 0.32
N GLY B 423 28.57 8.78 -0.12
CA GLY B 423 28.76 9.92 -0.99
C GLY B 423 29.29 9.65 -2.38
N PRO B 424 29.77 10.69 -3.05
CA PRO B 424 29.78 12.05 -2.45
C PRO B 424 28.35 12.55 -2.33
N GLN B 425 28.18 13.65 -1.62
CA GLN B 425 26.91 14.28 -1.34
C GLN B 425 26.92 15.70 -1.87
N THR B 426 26.01 15.98 -2.80
CA THR B 426 25.82 17.35 -3.28
C THR B 426 24.84 18.07 -2.38
N PHE B 427 24.73 19.36 -2.62
CA PHE B 427 24.00 20.22 -1.73
C PHE B 427 23.61 21.49 -2.44
N SER B 428 22.65 22.16 -1.84
CA SER B 428 22.22 23.43 -2.37
C SER B 428 22.42 24.49 -1.31
N LEU B 429 22.75 25.67 -1.80
CA LEU B 429 22.95 26.85 -1.02
C LEU B 429 22.04 27.91 -1.61
N ALA B 430 21.19 28.52 -0.79
CA ALA B 430 20.50 29.72 -1.20
C ALA B 430 20.88 30.88 -0.27
N ILE B 431 21.26 32.05 -0.83
CA ILE B 431 21.58 33.24 -0.02
C ILE B 431 20.67 34.44 -0.34
N VAL B 432 20.00 34.97 0.69
CA VAL B 432 19.32 36.24 0.61
C VAL B 432 20.18 37.26 1.28
N HIS B 433 20.30 38.40 0.61
CA HIS B 433 20.82 39.62 1.15
C HIS B 433 20.11 40.73 0.37
CA CA C . 10.08 -36.85 -0.95
CA CA D . -16.85 -23.77 17.34
CA CA E . -12.37 -35.87 22.68
CA CA F . -4.82 34.18 16.31
CA CA G . 26.16 19.14 10.12
CA CA H . 26.89 28.82 20.28
#